data_9JCY
#
_entry.id   9JCY
#
_cell.length_a   50.235
_cell.length_b   161.286
_cell.length_c   57.060
_cell.angle_alpha   90.00
_cell.angle_beta   108.94
_cell.angle_gamma   90.00
#
_symmetry.space_group_name_H-M   'P 1 21 1'
#
loop_
_entity.id
_entity.type
_entity.pdbx_description
1 polymer 'Spike protein S1'
2 polymer 'Heavy chain of Fab'
3 polymer 'Light chain of Fab'
4 non-polymer 2-acetamido-2-deoxy-beta-D-glucopyranose
5 non-polymer GLYCEROL
6 water water
#
loop_
_entity_poly.entity_id
_entity_poly.type
_entity_poly.pdbx_seq_one_letter_code
_entity_poly.pdbx_strand_id
1 'polypeptide(L)'
;DLPDCDIDKWLNNFNVPSPLNWERKIFSNCNFNLSTLLRLVHTDSFSCNNFDESKIYGSCFKSIVLDKFAIPNSRRSDLQ
LGSSGFLQSSNYKIDTTSSSCQLYYSLPAINVTINNYNPSSWNRRYGFNNFNLSSHSVVYSRYCFSVNNTFCPCAKPSFA
SSCKSHKPPSASCPIGTNYRSCESTTVLDHTDWCRCSCLPDPITAYDPRSCSQKKSLVGVGEHCAGFGVDEEKCGVLDGS
YNVSCLCSTDAFLGWSYDTCVSNNRCNIFSNFILNGINSGTTCSNDLSGLEVLFQGPGGSHHHHHHHH
;
A
2 'polypeptide(L)'
;QVQLQESGPGLVKPSGTLSLTCAVSGGSISSSNWWSWVRQPPGKGLEWIGSMHYSGSSHYKPSLKSRIAMSVDTSKNQFS
LNLNSVTAADTAVYYCAREGGSSGYDYVYYFDDWGQGTTVTVSSASTKGPSVFPLAPSSKSTSGGTAALGCLVKDYFPEP
VTVSWNSGALTSGVHTFPAVLQSSGLYSLSSVVTVPSSSLGTQTYICNVNHKPSNTKVDKKVEPKSCGSHHHHHH
;
C
3 'polypeptide(L)'
;DIQMTQSPSSLSASVGDRVTITCRASQSISSYLNWYQQKPGKAPKLLIYAASSLQSGVPSRFSGSGSGTDFTLTISSLQP
EDFATYYCQQSYSTPRTFGQGTKVEIKRTVAAPSVFIFPPSDEQLKSGTASVVCLLNNFYPREAKVQWKVDNALQSGNSQ
ESVTEQDSKDSTYSLSSTLTLSKADYEKHKVYACEVTHQGLSSPVTKSFNRGEC
;
B
#
loop_
_chem_comp.id
_chem_comp.type
_chem_comp.name
_chem_comp.formula
GOL non-polymer GLYCEROL 'C3 H8 O3'
NAG D-saccharide, beta linking 2-acetamido-2-deoxy-beta-D-glucopyranose 'C8 H15 N O6'
#
# COMPACT_ATOMS: atom_id res chain seq x y z
N ASP A 1 -56.20 -1.09 35.71
CA ASP A 1 -56.55 -2.45 35.30
C ASP A 1 -55.57 -2.99 34.25
N LEU A 2 -54.51 -2.22 33.95
CA LEU A 2 -53.51 -2.72 33.02
C LEU A 2 -52.60 -3.74 33.71
N PRO A 3 -52.14 -4.76 33.00
CA PRO A 3 -51.31 -5.79 33.63
C PRO A 3 -49.88 -5.30 33.85
N ASP A 4 -49.15 -6.06 34.67
CA ASP A 4 -47.74 -5.81 34.86
C ASP A 4 -46.98 -6.16 33.59
N CYS A 5 -45.93 -5.38 33.30
CA CYS A 5 -45.14 -5.66 32.11
C CYS A 5 -44.42 -7.00 32.18
N ASP A 6 -44.09 -7.47 33.40
CA ASP A 6 -43.38 -8.74 33.60
C ASP A 6 -42.02 -8.75 32.91
N ILE A 7 -41.31 -7.61 32.94
CA ILE A 7 -40.01 -7.54 32.28
C ILE A 7 -39.01 -8.49 32.93
N ASP A 8 -39.10 -8.63 34.25
CA ASP A 8 -38.20 -9.54 34.96
C ASP A 8 -38.41 -10.98 34.52
N LYS A 9 -39.65 -11.36 34.24
CA LYS A 9 -39.92 -12.75 33.84
C LYS A 9 -39.24 -13.06 32.51
N TRP A 10 -39.25 -12.10 31.58
CA TRP A 10 -38.60 -12.31 30.29
C TRP A 10 -37.08 -12.29 30.42
N LEU A 11 -36.54 -11.32 31.17
CA LEU A 11 -35.09 -11.27 31.37
C LEU A 11 -34.57 -12.51 32.07
N ASN A 12 -35.37 -13.11 32.95
CA ASN A 12 -34.92 -14.27 33.71
C ASN A 12 -35.28 -15.59 33.03
N ASN A 13 -35.78 -15.55 31.79
CA ASN A 13 -36.06 -16.78 31.07
C ASN A 13 -34.78 -17.59 30.90
N PHE A 14 -34.85 -18.88 31.17
CA PHE A 14 -33.64 -19.69 31.17
C PHE A 14 -33.12 -19.99 29.77
N ASN A 15 -33.91 -19.76 28.73
CA ASN A 15 -33.44 -19.88 27.34
C ASN A 15 -32.88 -18.53 26.91
N VAL A 16 -31.56 -18.42 26.88
CA VAL A 16 -30.90 -17.14 26.68
C VAL A 16 -30.22 -17.18 25.32
N PRO A 17 -30.48 -16.24 24.42
CA PRO A 17 -29.78 -16.20 23.13
C PRO A 17 -28.36 -15.67 23.29
N SER A 18 -27.56 -15.91 22.26
CA SER A 18 -26.24 -15.30 22.14
C SER A 18 -26.35 -13.96 21.43
N PRO A 19 -25.27 -13.15 21.40
CA PRO A 19 -25.31 -11.91 20.62
C PRO A 19 -25.69 -12.12 19.15
N LEU A 20 -25.31 -13.26 18.59
CA LEU A 20 -25.56 -13.51 17.17
C LEU A 20 -27.05 -13.55 16.86
N ASN A 21 -27.84 -14.13 17.76
CA ASN A 21 -29.29 -14.21 17.59
C ASN A 21 -30.03 -13.47 18.69
N TRP A 22 -29.61 -12.22 18.94
CA TRP A 22 -30.17 -11.44 20.04
C TRP A 22 -31.69 -11.32 19.94
N GLU A 23 -32.35 -11.33 21.11
CA GLU A 23 -33.81 -11.34 21.16
C GLU A 23 -34.34 -9.99 21.61
N ARG A 24 -35.26 -9.44 20.83
CA ARG A 24 -36.01 -8.24 21.17
C ARG A 24 -37.37 -8.58 21.74
N LYS A 25 -37.79 -7.84 22.76
CA LYS A 25 -39.17 -7.86 23.18
C LYS A 25 -39.62 -6.43 23.40
N ILE A 26 -40.78 -6.09 22.86
CA ILE A 26 -41.35 -4.75 22.99
C ILE A 26 -42.39 -4.78 24.09
N PHE A 27 -42.23 -3.93 25.09
CA PHE A 27 -43.19 -3.84 26.18
C PHE A 27 -44.02 -2.58 26.01
N SER A 28 -45.32 -2.68 26.29
CA SER A 28 -46.19 -1.53 26.14
C SER A 28 -47.51 -1.80 26.86
N ASN A 29 -48.25 -0.73 27.11
CA ASN A 29 -49.58 -0.79 27.71
C ASN A 29 -49.59 -1.69 28.93
N CYS A 30 -48.67 -1.40 29.85
CA CYS A 30 -48.47 -2.22 31.03
C CYS A 30 -47.75 -1.37 32.07
N ASN A 31 -47.80 -1.83 33.32
CA ASN A 31 -47.17 -1.16 34.44
C ASN A 31 -45.93 -1.92 34.89
N PHE A 32 -44.92 -1.18 35.33
CA PHE A 32 -43.67 -1.78 35.78
C PHE A 32 -43.09 -0.91 36.90
N ASN A 33 -42.33 -1.55 37.78
CA ASN A 33 -41.53 -0.86 38.78
C ASN A 33 -40.06 -1.13 38.47
N LEU A 34 -39.33 -0.09 38.06
CA LEU A 34 -37.87 -0.22 37.81
C LEU A 34 -37.17 -0.68 39.08
N SER A 35 -37.54 -0.11 40.22
CA SER A 35 -36.93 -0.49 41.50
C SER A 35 -37.04 -2.01 41.71
N THR A 36 -38.23 -2.56 41.52
CA THR A 36 -38.44 -4.02 41.69
C THR A 36 -37.68 -4.75 40.59
N LEU A 37 -37.69 -4.20 39.38
CA LEU A 37 -37.02 -4.89 38.28
C LEU A 37 -35.55 -5.11 38.59
N LEU A 38 -34.87 -4.06 39.05
CA LEU A 38 -33.44 -4.17 39.38
C LEU A 38 -33.17 -5.11 40.54
N ARG A 39 -34.16 -5.40 41.38
CA ARG A 39 -33.99 -6.41 42.40
C ARG A 39 -34.26 -7.82 41.88
N LEU A 40 -35.34 -8.00 41.12
CA LEU A 40 -35.73 -9.33 40.67
C LEU A 40 -34.76 -9.92 39.66
N VAL A 41 -34.02 -9.09 38.95
CA VAL A 41 -32.89 -9.57 38.16
C VAL A 41 -31.63 -9.22 38.93
N HIS A 42 -30.68 -10.16 38.94
CA HIS A 42 -29.40 -10.00 39.68
C HIS A 42 -28.57 -8.96 38.92
N THR A 43 -28.88 -7.70 39.17
CA THR A 43 -28.27 -6.61 38.40
C THR A 43 -26.84 -6.37 38.88
N ASP A 44 -25.91 -6.34 37.92
CA ASP A 44 -24.54 -5.88 38.12
C ASP A 44 -24.40 -4.40 37.80
N SER A 45 -25.11 -3.91 36.78
CA SER A 45 -24.98 -2.53 36.37
C SER A 45 -26.18 -2.13 35.52
N PHE A 46 -26.77 -0.98 35.84
CA PHE A 46 -27.81 -0.36 35.03
C PHE A 46 -27.48 1.12 34.89
N SER A 47 -27.35 1.59 33.65
CA SER A 47 -27.00 2.99 33.39
C SER A 47 -27.61 3.39 32.06
N CYS A 48 -27.74 4.70 31.84
CA CYS A 48 -28.48 5.18 30.68
C CYS A 48 -27.64 6.15 29.86
N ASN A 49 -27.98 6.24 28.58
CA ASN A 49 -27.29 7.06 27.61
C ASN A 49 -28.30 7.94 26.89
N ASN A 50 -27.97 9.21 26.68
CA ASN A 50 -28.91 10.17 26.11
C ASN A 50 -30.20 10.26 26.92
N PHE A 51 -30.12 10.00 28.21
CA PHE A 51 -31.32 9.95 29.04
C PHE A 51 -30.91 10.04 30.50
N ASP A 52 -31.71 10.77 31.28
CA ASP A 52 -31.53 10.86 32.73
C ASP A 52 -32.22 9.67 33.39
N GLU A 53 -31.43 8.75 33.93
CA GLU A 53 -31.98 7.53 34.52
C GLU A 53 -33.02 7.83 35.62
N SER A 54 -32.78 8.87 36.41
CA SER A 54 -33.70 9.18 37.51
C SER A 54 -35.08 9.56 37.02
N LYS A 55 -35.23 9.84 35.73
CA LYS A 55 -36.50 10.29 35.16
C LYS A 55 -37.40 9.13 34.71
N ILE A 56 -36.89 7.91 34.68
CA ILE A 56 -37.75 6.75 34.41
C ILE A 56 -38.83 6.63 35.48
N TYR A 57 -38.44 6.83 36.74
CA TYR A 57 -39.37 6.65 37.85
C TYR A 57 -40.55 7.60 37.73
N GLY A 58 -41.76 7.03 37.74
CA GLY A 58 -42.98 7.80 37.62
C GLY A 58 -43.35 8.26 36.22
N SER A 59 -42.62 7.84 35.20
CA SER A 59 -42.86 8.28 33.83
C SER A 59 -43.61 7.22 33.03
N CYS A 60 -44.26 7.68 31.96
CA CYS A 60 -44.92 6.81 31.00
C CYS A 60 -44.23 6.93 29.65
N PHE A 61 -44.23 5.82 28.90
CA PHE A 61 -43.58 5.74 27.60
C PHE A 61 -44.52 5.10 26.59
N LYS A 62 -44.34 5.45 25.32
CA LYS A 62 -45.08 4.76 24.27
C LYS A 62 -44.76 3.28 24.26
N SER A 63 -43.47 2.94 24.31
CA SER A 63 -43.08 1.54 24.46
C SER A 63 -41.69 1.51 25.06
N ILE A 64 -41.32 0.34 25.57
CA ILE A 64 -39.97 0.11 26.04
C ILE A 64 -39.47 -1.17 25.36
N VAL A 65 -38.36 -1.05 24.64
CA VAL A 65 -37.87 -2.12 23.78
C VAL A 65 -36.58 -2.64 24.35
N LEU A 66 -36.55 -3.95 24.66
CA LEU A 66 -35.37 -4.58 25.23
C LEU A 66 -34.79 -5.58 24.24
N ASP A 67 -33.47 -5.54 24.10
CA ASP A 67 -32.71 -6.47 23.29
C ASP A 67 -31.72 -7.19 24.20
N LYS A 68 -31.86 -8.51 24.35
CA LYS A 68 -31.04 -9.24 25.31
C LYS A 68 -30.20 -10.32 24.64
N PHE A 69 -29.07 -10.64 25.28
CA PHE A 69 -28.21 -11.74 24.87
C PHE A 69 -27.19 -12.03 25.97
N ALA A 70 -26.76 -13.29 26.05
CA ALA A 70 -25.67 -13.66 26.95
C ALA A 70 -24.37 -13.04 26.46
N ILE A 71 -23.43 -12.85 27.39
CA ILE A 71 -22.16 -12.19 27.11
C ILE A 71 -21.06 -13.25 27.07
N PRO A 72 -20.36 -13.42 25.94
CA PRO A 72 -19.12 -14.21 25.98
C PRO A 72 -18.10 -13.53 26.88
N ASN A 73 -17.51 -14.30 27.81
CA ASN A 73 -16.68 -13.70 28.86
C ASN A 73 -15.60 -12.78 28.28
N SER A 74 -14.90 -13.25 27.25
CA SER A 74 -13.78 -12.51 26.71
C SER A 74 -14.18 -11.23 25.98
N ARG A 75 -15.47 -11.03 25.72
CA ARG A 75 -15.90 -9.90 24.89
C ARG A 75 -16.72 -8.88 25.66
N ARG A 76 -16.75 -8.94 26.99
CA ARG A 76 -17.60 -8.02 27.75
C ARG A 76 -17.29 -6.57 27.43
N SER A 77 -16.01 -6.23 27.27
CA SER A 77 -15.65 -4.83 26.98
C SER A 77 -16.14 -4.36 25.61
N ASP A 78 -16.50 -5.27 24.70
CA ASP A 78 -17.09 -4.87 23.42
C ASP A 78 -18.38 -4.08 23.59
N LEU A 79 -19.03 -4.17 24.76
CA LEU A 79 -20.32 -3.54 24.97
C LEU A 79 -20.23 -2.11 25.49
N GLN A 80 -19.02 -1.60 25.72
CA GLN A 80 -18.86 -0.18 25.99
C GLN A 80 -19.41 0.62 24.82
N LEU A 81 -20.11 1.70 25.11
CA LEU A 81 -20.72 2.50 24.05
C LEU A 81 -19.66 2.98 23.06
N GLY A 82 -19.94 2.79 21.77
CA GLY A 82 -19.03 3.19 20.73
C GLY A 82 -17.90 2.23 20.44
N SER A 83 -17.84 1.10 21.14
CA SER A 83 -16.76 0.11 20.95
C SER A 83 -16.74 -0.44 19.52
N SER A 84 -15.55 -0.52 18.95
CA SER A 84 -15.37 -1.10 17.59
C SER A 84 -15.09 -2.61 17.69
N GLY A 85 -15.24 -3.21 18.87
CA GLY A 85 -14.97 -4.62 19.01
C GLY A 85 -15.98 -5.49 18.26
N PHE A 86 -15.84 -6.81 18.46
CA PHE A 86 -16.60 -7.79 17.67
C PHE A 86 -18.09 -7.71 17.95
N LEU A 87 -18.51 -7.59 19.22
CA LEU A 87 -19.93 -7.71 19.51
C LEU A 87 -20.74 -6.65 18.78
N GLN A 88 -20.29 -5.39 18.81
CA GLN A 88 -21.07 -4.34 18.16
C GLN A 88 -20.76 -4.17 16.68
N SER A 89 -19.58 -4.61 16.22
CA SER A 89 -19.31 -4.58 14.79
C SER A 89 -20.13 -5.61 14.04
N SER A 90 -20.36 -6.77 14.66
CA SER A 90 -20.82 -7.92 13.90
C SER A 90 -21.95 -8.70 14.57
N ASN A 91 -22.57 -8.20 15.65
CA ASN A 91 -23.66 -8.95 16.27
C ASN A 91 -24.81 -8.04 16.69
N TYR A 92 -24.51 -7.06 17.56
CA TYR A 92 -25.52 -6.15 18.08
C TYR A 92 -24.89 -4.77 18.26
N LYS A 93 -25.38 -3.80 17.50
CA LYS A 93 -24.91 -2.41 17.65
C LYS A 93 -25.78 -1.68 18.68
N ILE A 94 -25.15 -1.20 19.74
CA ILE A 94 -25.89 -0.41 20.72
C ILE A 94 -26.05 0.99 20.13
N ASP A 95 -27.28 1.32 19.78
CA ASP A 95 -27.59 2.61 19.16
C ASP A 95 -27.32 3.74 20.14
N THR A 96 -26.37 4.62 19.80
CA THR A 96 -26.00 5.75 20.65
C THR A 96 -26.89 6.97 20.42
N THR A 97 -27.81 6.92 19.46
CA THR A 97 -28.67 8.07 19.17
C THR A 97 -29.99 8.04 19.92
N SER A 98 -30.41 6.87 20.40
CA SER A 98 -31.67 6.76 21.10
C SER A 98 -31.50 7.15 22.56
N SER A 99 -32.63 7.32 23.24
CA SER A 99 -32.65 7.33 24.70
C SER A 99 -32.64 5.87 25.15
N SER A 100 -31.55 5.44 25.77
CA SER A 100 -31.41 4.03 26.09
C SER A 100 -30.75 3.83 27.44
N CYS A 101 -30.96 2.64 28.01
CA CYS A 101 -30.21 2.17 29.16
C CYS A 101 -29.63 0.79 28.89
N GLN A 102 -28.49 0.51 29.50
CA GLN A 102 -27.77 -0.75 29.34
C GLN A 102 -27.79 -1.49 30.67
N LEU A 103 -28.31 -2.71 30.66
CA LEU A 103 -28.40 -3.55 31.85
C LEU A 103 -27.44 -4.74 31.72
N TYR A 104 -26.62 -4.92 32.75
CA TYR A 104 -25.77 -6.10 32.90
C TYR A 104 -26.29 -6.88 34.10
N TYR A 105 -26.64 -8.14 33.89
CA TYR A 105 -27.22 -8.98 34.93
C TYR A 105 -26.74 -10.41 34.73
N SER A 106 -27.23 -11.31 35.58
CA SER A 106 -26.80 -12.70 35.50
C SER A 106 -27.90 -13.61 36.01
N LEU A 107 -27.78 -14.88 35.65
CA LEU A 107 -28.67 -15.95 36.05
C LEU A 107 -27.83 -17.10 36.57
N PRO A 108 -28.36 -17.88 37.52
CA PRO A 108 -27.65 -19.08 37.97
C PRO A 108 -27.39 -20.00 36.80
N ALA A 109 -26.12 -20.39 36.63
CA ALA A 109 -25.71 -21.15 35.46
C ALA A 109 -26.45 -22.47 35.33
N ILE A 110 -26.78 -23.12 36.46
CA ILE A 110 -27.35 -24.46 36.43
C ILE A 110 -28.68 -24.49 35.67
N ASN A 111 -29.40 -23.38 35.62
CA ASN A 111 -30.68 -23.33 34.93
C ASN A 111 -30.59 -22.81 33.50
N VAL A 112 -29.60 -21.96 33.19
CA VAL A 112 -29.50 -21.33 31.88
C VAL A 112 -29.13 -22.36 30.81
N THR A 113 -29.78 -22.27 29.65
CA THR A 113 -29.37 -22.99 28.44
C THR A 113 -29.22 -21.98 27.32
N ILE A 114 -28.01 -21.84 26.78
CA ILE A 114 -27.80 -20.88 25.70
C ILE A 114 -28.44 -21.42 24.42
N ASN A 115 -29.29 -20.60 23.80
CA ASN A 115 -29.89 -20.91 22.50
C ASN A 115 -29.03 -20.26 21.43
N ASN A 116 -28.24 -21.07 20.73
CA ASN A 116 -27.40 -20.60 19.64
C ASN A 116 -28.11 -20.87 18.32
N TYR A 117 -28.12 -19.88 17.43
CA TYR A 117 -28.80 -20.00 16.16
C TYR A 117 -28.19 -19.00 15.18
N ASN A 118 -27.86 -19.46 13.97
CA ASN A 118 -27.35 -18.58 12.94
C ASN A 118 -28.51 -17.92 12.20
N PRO A 119 -28.71 -16.61 12.37
CA PRO A 119 -29.88 -15.95 11.74
C PRO A 119 -29.76 -15.80 10.23
N SER A 120 -28.58 -16.02 9.64
CA SER A 120 -28.35 -15.76 8.23
C SER A 120 -29.02 -16.83 7.36
N SER A 121 -30.03 -16.43 6.60
CA SER A 121 -30.70 -17.39 5.74
C SER A 121 -29.78 -17.86 4.62
N TRP A 122 -28.86 -17.01 4.15
CA TRP A 122 -27.99 -17.50 3.09
C TRP A 122 -26.98 -18.50 3.62
N ASN A 123 -26.45 -18.28 4.83
CA ASN A 123 -25.62 -19.31 5.47
C ASN A 123 -26.37 -20.63 5.56
N ARG A 124 -27.59 -20.59 6.10
CA ARG A 124 -28.33 -21.83 6.29
C ARG A 124 -28.72 -22.47 4.96
N ARG A 125 -29.02 -21.66 3.95
CA ARG A 125 -29.33 -22.23 2.64
C ARG A 125 -28.19 -23.09 2.11
N TYR A 126 -26.94 -22.68 2.37
CA TYR A 126 -25.81 -23.42 1.85
C TYR A 126 -25.17 -24.31 2.91
N GLY A 127 -25.97 -24.80 3.85
CA GLY A 127 -25.59 -25.93 4.67
C GLY A 127 -25.16 -25.66 6.08
N PHE A 128 -25.30 -24.43 6.58
CA PHE A 128 -24.93 -24.17 7.97
C PHE A 128 -25.90 -24.90 8.90
N ASN A 129 -25.34 -25.73 9.78
CA ASN A 129 -26.13 -26.57 10.66
C ASN A 129 -26.23 -25.96 12.05
N ASN A 130 -27.19 -26.48 12.83
CA ASN A 130 -27.26 -26.09 14.23
C ASN A 130 -25.90 -26.24 14.88
N PHE A 131 -25.59 -25.35 15.82
CA PHE A 131 -24.32 -25.47 16.53
C PHE A 131 -24.37 -26.69 17.43
N ASN A 132 -23.20 -27.28 17.65
CA ASN A 132 -23.03 -28.45 18.51
C ASN A 132 -22.00 -28.06 19.56
N LEU A 133 -22.44 -27.29 20.55
CA LEU A 133 -21.55 -26.70 21.55
C LEU A 133 -22.11 -26.91 22.95
N SER A 134 -21.26 -26.73 23.95
CA SER A 134 -21.65 -26.86 25.35
C SER A 134 -22.76 -25.86 25.70
N SER A 135 -23.56 -26.22 26.72
CA SER A 135 -24.78 -25.49 26.98
C SER A 135 -24.57 -24.08 27.53
N HIS A 136 -23.33 -23.67 27.82
CA HIS A 136 -23.02 -22.29 28.20
C HIS A 136 -22.06 -21.63 27.23
N SER A 137 -21.79 -22.26 26.09
N SER A 137 -21.78 -22.25 26.09
CA SER A 137 -21.01 -21.64 25.03
CA SER A 137 -20.99 -21.63 25.05
C SER A 137 -21.86 -20.58 24.33
C SER A 137 -21.83 -20.59 24.32
N VAL A 138 -21.29 -19.39 24.17
CA VAL A 138 -22.00 -18.26 23.59
C VAL A 138 -21.31 -17.87 22.30
N VAL A 139 -22.02 -18.01 21.18
CA VAL A 139 -21.45 -17.75 19.86
C VAL A 139 -21.47 -16.26 19.57
N TYR A 140 -20.39 -15.75 18.96
CA TYR A 140 -20.43 -14.40 18.42
C TYR A 140 -19.74 -14.38 17.06
N SER A 141 -20.23 -13.51 16.19
CA SER A 141 -19.58 -13.31 14.91
C SER A 141 -18.41 -12.34 15.07
N ARG A 142 -17.36 -12.59 14.28
CA ARG A 142 -16.28 -11.62 14.14
C ARG A 142 -16.41 -10.79 12.87
N TYR A 143 -16.90 -11.38 11.78
CA TYR A 143 -17.15 -10.70 10.52
C TYR A 143 -18.51 -11.12 9.99
N CYS A 144 -19.26 -10.16 9.46
CA CYS A 144 -20.51 -10.44 8.76
C CYS A 144 -20.35 -10.10 7.28
N PHE A 145 -20.98 -10.91 6.43
CA PHE A 145 -20.97 -10.72 4.99
C PHE A 145 -22.40 -10.79 4.46
N SER A 146 -22.74 -9.84 3.61
CA SER A 146 -24.03 -9.83 2.96
C SER A 146 -23.85 -10.24 1.50
N VAL A 147 -24.90 -10.83 0.94
CA VAL A 147 -24.91 -11.25 -0.47
C VAL A 147 -26.28 -10.91 -1.07
N ASN A 148 -26.34 -10.91 -2.40
CA ASN A 148 -27.60 -10.78 -3.12
C ASN A 148 -28.38 -12.10 -3.08
N ASN A 149 -29.67 -12.02 -3.43
CA ASN A 149 -30.46 -13.26 -3.41
C ASN A 149 -30.05 -14.23 -4.52
N THR A 150 -29.29 -13.77 -5.49
CA THR A 150 -28.73 -14.64 -6.54
C THR A 150 -27.42 -15.31 -6.12
N PHE A 151 -27.00 -15.18 -4.87
CA PHE A 151 -25.70 -15.70 -4.48
C PHE A 151 -25.67 -17.23 -4.45
N CYS A 152 -24.58 -17.78 -4.96
CA CYS A 152 -24.27 -19.20 -4.84
C CYS A 152 -22.77 -19.29 -4.69
N PRO A 153 -22.26 -20.04 -3.73
CA PRO A 153 -20.80 -20.09 -3.50
C PRO A 153 -20.04 -21.12 -4.32
N CYS A 154 -20.70 -21.91 -5.16
CA CYS A 154 -20.06 -23.02 -5.85
C CYS A 154 -19.70 -22.67 -7.28
N ALA A 155 -18.53 -23.12 -7.71
CA ALA A 155 -18.15 -23.07 -9.11
C ALA A 155 -19.02 -23.99 -9.95
N LYS A 156 -19.19 -23.63 -11.22
CA LYS A 156 -20.01 -24.40 -12.15
C LYS A 156 -19.31 -25.69 -12.54
N PRO A 157 -19.96 -26.85 -12.42
CA PRO A 157 -19.33 -28.12 -12.84
C PRO A 157 -18.72 -28.06 -14.23
N SER A 158 -19.43 -27.49 -15.19
CA SER A 158 -18.89 -27.45 -16.56
C SER A 158 -17.65 -26.57 -16.65
N PHE A 159 -17.55 -25.51 -15.84
CA PHE A 159 -16.31 -24.75 -15.84
C PHE A 159 -15.19 -25.55 -15.19
N ALA A 160 -15.45 -26.15 -14.03
CA ALA A 160 -14.43 -26.88 -13.31
C ALA A 160 -13.88 -28.03 -14.13
N SER A 161 -14.72 -28.67 -14.95
CA SER A 161 -14.24 -29.82 -15.71
C SER A 161 -13.23 -29.43 -16.79
N SER A 162 -13.10 -28.14 -17.10
CA SER A 162 -12.10 -27.66 -18.04
C SER A 162 -10.77 -27.32 -17.38
N CYS A 163 -10.70 -27.34 -16.06
CA CYS A 163 -9.50 -26.94 -15.34
C CYS A 163 -8.50 -28.10 -15.28
N LYS A 164 -7.30 -27.87 -15.83
CA LYS A 164 -6.26 -28.88 -15.75
C LYS A 164 -5.49 -28.82 -14.45
N SER A 165 -5.26 -27.61 -13.93
CA SER A 165 -4.61 -27.42 -12.63
C SER A 165 -5.51 -26.59 -11.74
N HIS A 166 -5.49 -26.89 -10.46
CA HIS A 166 -6.27 -26.11 -9.48
C HIS A 166 -7.73 -26.08 -9.89
N LYS A 167 -8.34 -27.25 -9.87
CA LYS A 167 -9.76 -27.33 -10.14
C LYS A 167 -10.54 -26.93 -8.90
N PRO A 168 -11.50 -26.01 -9.00
CA PRO A 168 -12.32 -25.68 -7.83
C PRO A 168 -13.36 -26.76 -7.60
N PRO A 169 -13.84 -26.92 -6.37
CA PRO A 169 -15.00 -27.77 -6.13
C PRO A 169 -16.21 -27.17 -6.81
N SER A 170 -17.17 -28.04 -7.15
CA SER A 170 -18.29 -27.61 -7.98
C SER A 170 -19.53 -28.36 -7.55
N ALA A 171 -20.68 -27.84 -7.98
CA ALA A 171 -21.99 -28.41 -7.64
C ALA A 171 -23.02 -27.59 -8.39
N SER A 172 -24.24 -28.11 -8.47
CA SER A 172 -25.28 -27.30 -9.09
C SER A 172 -25.71 -26.20 -8.12
N CYS A 173 -25.94 -25.00 -8.66
CA CYS A 173 -26.44 -23.91 -7.85
C CYS A 173 -27.96 -23.81 -7.99
N PRO A 174 -28.63 -23.36 -6.93
CA PRO A 174 -30.10 -23.28 -6.97
C PRO A 174 -30.60 -22.45 -8.12
N ILE A 175 -31.79 -22.82 -8.61
CA ILE A 175 -32.45 -22.03 -9.65
C ILE A 175 -32.58 -20.59 -9.17
N GLY A 176 -32.28 -19.65 -10.06
CA GLY A 176 -32.31 -18.25 -9.70
C GLY A 176 -31.03 -17.71 -9.10
N THR A 177 -29.98 -18.52 -8.96
CA THR A 177 -28.70 -18.04 -8.47
C THR A 177 -27.65 -18.13 -9.57
N ASN A 178 -26.56 -17.39 -9.36
CA ASN A 178 -25.45 -17.34 -10.31
C ASN A 178 -24.27 -18.13 -9.76
N TYR A 179 -23.62 -18.90 -10.64
CA TYR A 179 -22.46 -19.67 -10.23
C TYR A 179 -21.33 -18.75 -9.84
N ARG A 180 -20.47 -19.26 -8.95
CA ARG A 180 -19.24 -18.57 -8.56
C ARG A 180 -18.44 -18.17 -9.79
N SER A 181 -17.89 -16.95 -9.79
CA SER A 181 -17.11 -16.49 -10.93
C SER A 181 -15.71 -17.09 -10.90
N CYS A 182 -15.27 -17.61 -12.04
CA CYS A 182 -13.94 -18.20 -12.13
C CYS A 182 -13.29 -17.82 -13.45
N GLU A 183 -11.96 -17.80 -13.45
CA GLU A 183 -11.16 -17.53 -14.63
C GLU A 183 -10.04 -18.55 -14.73
N SER A 184 -9.71 -18.94 -15.96
CA SER A 184 -8.50 -19.71 -16.21
C SER A 184 -7.32 -18.76 -16.26
N THR A 185 -6.29 -19.05 -15.45
CA THR A 185 -5.12 -18.19 -15.40
C THR A 185 -3.91 -18.95 -15.90
N THR A 186 -2.87 -18.18 -16.23
CA THR A 186 -1.58 -18.74 -16.63
C THR A 186 -0.58 -18.43 -15.53
N VAL A 187 0.06 -19.48 -15.01
CA VAL A 187 1.19 -19.33 -14.11
C VAL A 187 2.37 -20.07 -14.74
N LEU A 188 3.58 -19.73 -14.29
CA LEU A 188 4.77 -20.04 -15.07
C LEU A 188 4.99 -21.52 -15.32
N ASP A 189 4.23 -22.41 -14.69
CA ASP A 189 4.36 -23.83 -15.01
C ASP A 189 3.00 -24.52 -15.09
N HIS A 190 1.95 -23.75 -15.40
CA HIS A 190 0.59 -24.26 -15.58
C HIS A 190 -0.15 -23.30 -16.51
N THR A 191 -0.87 -23.84 -17.50
CA THR A 191 -1.57 -22.99 -18.45
C THR A 191 -3.08 -22.92 -18.21
N ASP A 192 -3.66 -23.88 -17.48
CA ASP A 192 -5.07 -23.82 -17.13
C ASP A 192 -5.24 -23.85 -15.62
N TRP A 193 -4.62 -22.90 -14.92
CA TRP A 193 -4.75 -22.79 -13.48
C TRP A 193 -5.98 -21.96 -13.19
N CYS A 194 -7.06 -22.63 -12.77
CA CYS A 194 -8.32 -21.92 -12.56
C CYS A 194 -8.27 -21.16 -11.24
N ARG A 195 -8.69 -19.91 -11.28
CA ARG A 195 -8.72 -19.07 -10.09
C ARG A 195 -10.10 -18.45 -9.98
N CYS A 196 -10.79 -18.72 -8.89
CA CYS A 196 -12.13 -18.22 -8.69
C CYS A 196 -12.10 -17.06 -7.71
N SER A 197 -13.29 -16.62 -7.28
CA SER A 197 -13.45 -15.42 -6.49
C SER A 197 -13.16 -15.67 -5.01
N CYS A 198 -13.02 -14.56 -4.28
CA CYS A 198 -12.93 -14.52 -2.82
C CYS A 198 -11.71 -15.27 -2.31
N LEU A 199 -10.58 -15.15 -3.03
CA LEU A 199 -9.39 -15.83 -2.58
C LEU A 199 -8.42 -14.85 -1.92
N PRO A 200 -7.71 -15.27 -0.87
CA PRO A 200 -7.68 -16.64 -0.29
C PRO A 200 -8.97 -17.01 0.44
N ASP A 201 -9.65 -16.03 1.02
CA ASP A 201 -10.96 -16.23 1.63
C ASP A 201 -11.64 -14.87 1.67
N PRO A 202 -12.95 -14.80 1.94
CA PRO A 202 -13.62 -13.49 1.92
C PRO A 202 -13.07 -12.50 2.93
N ILE A 203 -12.54 -12.96 4.07
CA ILE A 203 -12.03 -12.05 5.10
C ILE A 203 -10.74 -11.39 4.62
N THR A 204 -9.91 -12.15 3.92
CA THR A 204 -8.62 -11.67 3.44
C THR A 204 -8.62 -11.49 1.92
N ALA A 205 -9.79 -11.23 1.34
CA ALA A 205 -9.95 -11.24 -0.10
C ALA A 205 -9.01 -10.26 -0.78
N TYR A 206 -8.25 -10.76 -1.76
CA TYR A 206 -7.34 -9.90 -2.50
C TYR A 206 -8.10 -8.86 -3.29
N ASP A 207 -9.27 -9.25 -3.82
CA ASP A 207 -10.07 -8.40 -4.69
C ASP A 207 -11.47 -8.33 -4.06
N PRO A 208 -11.67 -7.42 -3.09
CA PRO A 208 -12.98 -7.38 -2.42
C PRO A 208 -14.11 -7.00 -3.35
N ARG A 209 -13.86 -6.13 -4.35
CA ARG A 209 -14.93 -5.75 -5.26
C ARG A 209 -15.43 -6.95 -6.07
N SER A 210 -14.54 -7.87 -6.42
CA SER A 210 -14.93 -9.06 -7.19
C SER A 210 -15.48 -10.19 -6.35
N CYS A 211 -15.35 -10.13 -5.03
CA CYS A 211 -15.93 -11.14 -4.15
C CYS A 211 -17.38 -10.76 -3.87
N SER A 212 -18.32 -11.68 -4.17
CA SER A 212 -19.74 -11.41 -3.96
C SER A 212 -20.12 -11.27 -2.49
N GLN A 213 -19.32 -11.82 -1.59
CA GLN A 213 -19.58 -11.65 -0.16
C GLN A 213 -19.04 -10.31 0.30
N LYS A 214 -19.91 -9.44 0.79
CA LYS A 214 -19.56 -8.05 1.09
C LYS A 214 -19.48 -7.85 2.59
N LYS A 215 -18.33 -7.40 3.07
CA LYS A 215 -18.19 -7.12 4.51
C LYS A 215 -19.24 -6.10 4.95
N SER A 216 -19.94 -6.43 6.02
CA SER A 216 -21.15 -5.68 6.42
C SER A 216 -21.16 -5.56 7.94
N LEU A 217 -20.83 -4.37 8.44
CA LEU A 217 -21.05 -4.09 9.86
C LEU A 217 -22.55 -4.08 10.13
N VAL A 218 -22.94 -4.62 11.30
CA VAL A 218 -24.37 -4.62 11.61
C VAL A 218 -24.83 -3.19 11.82
N GLY A 219 -26.01 -2.87 11.27
CA GLY A 219 -26.64 -1.60 11.55
C GLY A 219 -27.53 -1.68 12.77
N VAL A 220 -28.11 -0.53 13.13
CA VAL A 220 -29.05 -0.50 14.24
C VAL A 220 -30.24 -1.39 13.91
N GLY A 221 -30.57 -2.28 14.85
CA GLY A 221 -31.68 -3.19 14.69
C GLY A 221 -31.41 -4.40 13.82
N GLU A 222 -30.18 -4.62 13.38
CA GLU A 222 -29.86 -5.71 12.46
C GLU A 222 -29.17 -6.85 13.17
N HIS A 223 -29.30 -8.04 12.56
CA HIS A 223 -28.52 -9.22 12.90
C HIS A 223 -27.42 -9.41 11.87
N CYS A 224 -26.36 -10.11 12.28
CA CYS A 224 -25.28 -10.46 11.36
C CYS A 224 -25.84 -11.02 10.06
N ALA A 225 -25.37 -10.45 8.94
CA ALA A 225 -25.88 -10.90 7.65
C ALA A 225 -25.42 -12.31 7.31
N GLY A 226 -24.34 -12.78 7.90
CA GLY A 226 -23.84 -14.12 7.66
C GLY A 226 -22.35 -14.23 7.87
N PHE A 227 -21.91 -15.43 8.23
CA PHE A 227 -20.47 -15.70 8.24
C PHE A 227 -20.00 -15.81 6.80
N GLY A 228 -18.79 -15.33 6.52
CA GLY A 228 -18.19 -15.58 5.23
C GLY A 228 -17.93 -17.06 5.02
N VAL A 229 -17.98 -17.50 3.77
CA VAL A 229 -17.65 -18.88 3.44
C VAL A 229 -16.43 -18.91 2.55
N ASP A 230 -15.49 -19.79 2.88
CA ASP A 230 -14.43 -20.16 1.95
C ASP A 230 -15.05 -20.92 0.79
N GLU A 231 -15.14 -20.27 -0.38
CA GLU A 231 -15.82 -20.87 -1.52
C GLU A 231 -15.05 -22.07 -2.06
N GLU A 232 -13.76 -22.19 -1.75
CA GLU A 232 -13.04 -23.41 -2.07
C GLU A 232 -13.48 -24.61 -1.25
N LYS A 233 -14.37 -24.41 -0.27
CA LYS A 233 -14.89 -25.51 0.54
C LYS A 233 -16.39 -25.68 0.35
N CYS A 234 -16.94 -25.12 -0.73
CA CYS A 234 -18.33 -25.30 -1.10
C CYS A 234 -18.38 -26.09 -2.40
N GLY A 235 -19.24 -27.09 -2.47
CA GLY A 235 -19.19 -28.04 -3.56
C GLY A 235 -18.21 -29.16 -3.25
N VAL A 236 -18.01 -30.02 -4.24
CA VAL A 236 -17.06 -31.12 -4.09
C VAL A 236 -16.22 -31.20 -5.35
N LEU A 237 -15.00 -31.70 -5.20
CA LEU A 237 -14.11 -31.84 -6.33
C LEU A 237 -14.69 -32.84 -7.33
N ASP A 238 -14.74 -32.44 -8.61
CA ASP A 238 -15.43 -33.16 -9.68
C ASP A 238 -16.92 -33.29 -9.43
N GLY A 239 -17.49 -32.39 -8.63
CA GLY A 239 -18.92 -32.44 -8.38
C GLY A 239 -19.72 -32.05 -9.59
N SER A 240 -20.75 -32.84 -9.90
CA SER A 240 -21.55 -32.66 -11.09
C SER A 240 -22.82 -31.88 -10.74
N TYR A 241 -23.68 -31.72 -11.75
CA TYR A 241 -24.96 -31.06 -11.51
C TYR A 241 -25.90 -31.90 -10.65
N ASN A 242 -25.55 -33.15 -10.37
CA ASN A 242 -26.37 -33.99 -9.50
C ASN A 242 -26.06 -33.77 -8.02
N VAL A 243 -25.05 -32.96 -7.72
CA VAL A 243 -24.72 -32.59 -6.35
C VAL A 243 -25.30 -31.20 -6.09
N SER A 244 -25.98 -31.04 -4.95
CA SER A 244 -26.44 -29.72 -4.54
C SER A 244 -25.32 -28.95 -3.87
N CYS A 245 -25.19 -27.66 -4.21
CA CYS A 245 -24.13 -26.83 -3.64
C CYS A 245 -24.32 -26.65 -2.14
N LEU A 246 -23.37 -27.16 -1.37
CA LEU A 246 -23.36 -26.95 0.07
C LEU A 246 -21.92 -26.69 0.49
N CYS A 247 -21.77 -25.98 1.61
CA CYS A 247 -20.46 -25.68 2.16
C CYS A 247 -20.18 -26.56 3.37
N SER A 248 -18.95 -27.05 3.49
CA SER A 248 -18.61 -27.88 4.63
C SER A 248 -18.60 -27.07 5.92
N THR A 249 -18.54 -27.77 7.06
CA THR A 249 -18.60 -27.06 8.35
C THR A 249 -17.44 -26.09 8.49
N ASP A 250 -16.25 -26.48 8.03
CA ASP A 250 -15.09 -25.59 8.16
C ASP A 250 -15.08 -24.50 7.10
N ALA A 251 -16.07 -24.44 6.21
CA ALA A 251 -16.09 -23.36 5.24
C ALA A 251 -16.54 -22.04 5.87
N PHE A 252 -17.31 -22.11 6.96
CA PHE A 252 -17.86 -20.90 7.56
C PHE A 252 -16.85 -20.27 8.51
N LEU A 253 -16.44 -19.04 8.20
CA LEU A 253 -15.30 -18.40 8.85
C LEU A 253 -15.75 -17.29 9.79
N GLY A 254 -14.78 -16.81 10.56
CA GLY A 254 -14.96 -15.54 11.25
C GLY A 254 -16.02 -15.56 12.32
N TRP A 255 -16.08 -16.65 13.09
CA TRP A 255 -16.94 -16.70 14.25
C TRP A 255 -16.24 -17.47 15.37
N SER A 256 -16.69 -17.22 16.59
CA SER A 256 -16.04 -17.76 17.78
C SER A 256 -17.11 -18.06 18.82
N TYR A 257 -16.66 -18.52 19.98
CA TYR A 257 -17.57 -18.69 21.10
C TYR A 257 -16.76 -18.63 22.39
N ASP A 258 -17.46 -18.30 23.47
CA ASP A 258 -16.85 -18.31 24.78
C ASP A 258 -17.96 -18.56 25.78
N THR A 259 -17.59 -19.05 26.96
CA THR A 259 -18.59 -19.25 27.99
C THR A 259 -19.04 -17.91 28.55
N CYS A 260 -20.27 -17.88 29.04
CA CYS A 260 -20.79 -16.73 29.76
C CYS A 260 -20.65 -16.88 31.27
N VAL A 261 -20.10 -17.98 31.75
CA VAL A 261 -20.16 -18.34 33.16
C VAL A 261 -18.95 -17.80 33.90
N SER A 262 -19.19 -17.10 35.01
CA SER A 262 -18.19 -16.78 36.01
C SER A 262 -18.86 -16.89 37.38
N ASN A 263 -18.15 -17.49 38.33
CA ASN A 263 -18.68 -17.70 39.69
C ASN A 263 -20.06 -18.33 39.66
N ASN A 264 -20.23 -19.33 38.79
CA ASN A 264 -21.43 -20.15 38.69
C ASN A 264 -22.66 -19.37 38.25
N ARG A 265 -22.48 -18.21 37.60
CA ARG A 265 -23.60 -17.51 37.01
C ARG A 265 -23.27 -17.12 35.57
N CYS A 266 -24.29 -17.14 34.71
CA CYS A 266 -24.17 -16.73 33.32
CA CYS A 266 -24.12 -16.73 33.33
C CYS A 266 -24.41 -15.24 33.20
N ASN A 267 -23.45 -14.50 32.67
CA ASN A 267 -23.56 -13.06 32.54
C ASN A 267 -24.32 -12.69 31.27
N ILE A 268 -25.26 -11.76 31.40
CA ILE A 268 -26.21 -11.41 30.35
C ILE A 268 -26.32 -9.91 30.22
N PHE A 269 -26.60 -9.45 29.00
CA PHE A 269 -26.78 -8.03 28.71
C PHE A 269 -28.19 -7.80 28.17
N SER A 270 -28.79 -6.68 28.53
CA SER A 270 -29.99 -6.24 27.83
C SER A 270 -29.90 -4.75 27.57
N ASN A 271 -30.17 -4.36 26.33
CA ASN A 271 -30.37 -2.96 26.03
C ASN A 271 -31.82 -2.59 26.29
N PHE A 272 -32.05 -1.33 26.66
CA PHE A 272 -33.38 -0.78 26.86
C PHE A 272 -33.51 0.44 25.97
N ILE A 273 -34.56 0.51 25.17
CA ILE A 273 -34.83 1.70 24.38
C ILE A 273 -36.14 2.30 24.88
N LEU A 274 -36.09 3.56 25.29
CA LEU A 274 -37.23 4.27 25.86
C LEU A 274 -37.87 5.11 24.77
N ASN A 275 -39.05 4.71 24.31
CA ASN A 275 -39.72 5.37 23.20
C ASN A 275 -40.81 6.29 23.72
N GLY A 276 -40.77 7.55 23.27
CA GLY A 276 -41.84 8.48 23.53
C GLY A 276 -42.07 8.80 24.99
N ILE A 277 -41.04 9.33 25.67
CA ILE A 277 -41.18 9.75 27.05
C ILE A 277 -42.36 10.72 27.16
N ASN A 278 -43.11 10.59 28.26
CA ASN A 278 -44.26 11.46 28.55
C ASN A 278 -45.39 11.25 27.54
N SER A 279 -45.60 10.00 27.13
CA SER A 279 -46.72 9.62 26.29
C SER A 279 -46.99 8.14 26.50
N GLY A 280 -48.04 7.62 25.87
CA GLY A 280 -48.33 6.20 25.92
C GLY A 280 -48.73 5.69 27.30
N THR A 281 -48.71 4.36 27.43
CA THR A 281 -49.22 3.70 28.63
C THR A 281 -48.26 2.63 29.16
N THR A 282 -46.96 2.79 28.90
CA THR A 282 -45.94 1.94 29.53
C THR A 282 -45.38 2.76 30.70
N CYS A 283 -45.97 2.57 31.88
CA CYS A 283 -45.83 3.53 32.98
C CYS A 283 -45.13 2.90 34.18
N SER A 284 -44.15 3.63 34.71
CA SER A 284 -43.57 3.30 36.00
C SER A 284 -44.56 3.58 37.13
N ASN A 285 -44.76 2.59 38.00
CA ASN A 285 -45.53 2.78 39.23
C ASN A 285 -44.63 3.00 40.45
N ASP A 286 -43.37 3.35 40.22
CA ASP A 286 -42.41 3.43 41.32
C ASP A 286 -42.81 4.49 42.35
N LEU A 287 -43.45 5.57 41.92
CA LEU A 287 -43.80 6.66 42.82
C LEU A 287 -45.17 6.50 43.46
N SER A 288 -45.99 5.54 43.00
CA SER A 288 -47.36 5.40 43.48
C SER A 288 -47.41 5.07 44.97
N GLN B 1 11.25 -6.69 8.65
CA GLN B 1 12.66 -7.03 8.32
C GLN B 1 12.66 -7.73 6.96
N VAL B 2 11.51 -7.71 6.30
CA VAL B 2 11.43 -8.34 4.95
C VAL B 2 12.22 -7.49 3.96
N GLN B 3 13.14 -8.11 3.24
CA GLN B 3 13.94 -7.42 2.25
C GLN B 3 13.83 -8.17 0.92
N LEU B 4 13.68 -7.43 -0.16
CA LEU B 4 13.54 -7.99 -1.50
C LEU B 4 14.69 -7.53 -2.39
N GLN B 5 15.08 -8.38 -3.33
CA GLN B 5 16.14 -8.05 -4.28
C GLN B 5 15.81 -8.62 -5.65
N GLU B 6 15.66 -7.73 -6.64
CA GLU B 6 15.42 -8.13 -8.02
C GLU B 6 16.70 -8.63 -8.67
N SER B 7 16.55 -9.54 -9.63
CA SER B 7 17.67 -10.00 -10.43
C SER B 7 17.15 -10.37 -11.80
N GLY B 8 18.05 -10.35 -12.78
CA GLY B 8 17.68 -10.66 -14.14
C GLY B 8 18.30 -9.71 -15.14
N PRO B 9 18.39 -10.14 -16.40
CA PRO B 9 19.08 -9.33 -17.42
C PRO B 9 18.33 -8.04 -17.72
N GLY B 10 19.08 -6.95 -17.74
CA GLY B 10 18.49 -5.65 -18.02
C GLY B 10 18.16 -5.42 -19.49
N LEU B 11 18.89 -6.07 -20.39
CA LEU B 11 18.70 -5.92 -21.83
C LEU B 11 17.89 -7.09 -22.36
N VAL B 12 16.78 -6.79 -23.03
CA VAL B 12 15.96 -7.80 -23.69
C VAL B 12 15.75 -7.40 -25.14
N LYS B 13 15.89 -8.36 -26.06
CA LYS B 13 15.67 -8.02 -27.46
C LYS B 13 14.18 -7.90 -27.76
N PRO B 14 13.80 -7.01 -28.67
CA PRO B 14 12.40 -6.91 -29.08
C PRO B 14 11.84 -8.27 -29.49
N SER B 15 10.59 -8.51 -29.10
CA SER B 15 9.86 -9.78 -29.19
C SER B 15 10.44 -10.87 -28.30
N GLY B 16 11.47 -10.59 -27.51
CA GLY B 16 12.02 -11.57 -26.60
C GLY B 16 11.20 -11.65 -25.31
N THR B 17 11.71 -12.45 -24.38
CA THR B 17 11.03 -12.68 -23.10
C THR B 17 11.83 -12.04 -21.98
N LEU B 18 11.17 -11.16 -21.23
CA LEU B 18 11.74 -10.60 -20.01
C LEU B 18 11.50 -11.58 -18.87
N SER B 19 12.58 -11.91 -18.14
CA SER B 19 12.49 -12.82 -17.01
C SER B 19 13.19 -12.19 -15.81
N LEU B 20 12.43 -11.97 -14.76
CA LEU B 20 12.96 -11.38 -13.54
C LEU B 20 12.64 -12.29 -12.36
N THR B 21 13.53 -12.26 -11.37
CA THR B 21 13.35 -12.99 -10.13
C THR B 21 13.50 -12.02 -8.98
N CYS B 22 12.77 -12.29 -7.91
CA CYS B 22 12.87 -11.49 -6.68
C CYS B 22 13.12 -12.45 -5.54
N ALA B 23 14.24 -12.27 -4.85
CA ALA B 23 14.59 -13.09 -3.70
C ALA B 23 14.16 -12.39 -2.42
N VAL B 24 13.51 -13.14 -1.54
CA VAL B 24 12.93 -12.60 -0.31
C VAL B 24 13.76 -13.07 0.87
N SER B 25 14.16 -12.13 1.73
CA SER B 25 14.81 -12.46 2.99
C SER B 25 14.04 -11.82 4.15
N GLY B 26 14.29 -12.32 5.36
CA GLY B 26 13.64 -11.78 6.54
C GLY B 26 12.20 -12.18 6.73
N GLY B 27 11.66 -12.92 5.78
CA GLY B 27 10.27 -13.42 5.88
C GLY B 27 10.05 -14.57 4.93
N SER B 28 9.04 -15.40 5.23
CA SER B 28 8.76 -16.57 4.37
C SER B 28 7.85 -16.21 3.18
N ILE B 29 8.14 -16.78 2.03
CA ILE B 29 7.28 -16.55 0.84
C ILE B 29 5.96 -17.30 1.09
N SER B 30 6.00 -18.34 1.91
CA SER B 30 4.79 -19.11 2.29
C SER B 30 4.12 -18.40 3.48
N SER B 31 3.26 -17.44 3.19
CA SER B 31 2.62 -16.63 4.21
C SER B 31 1.38 -16.00 3.61
N SER B 32 0.72 -15.14 4.38
CA SER B 32 -0.44 -14.44 3.87
C SER B 32 -0.07 -13.31 2.91
N ASN B 33 1.20 -12.94 2.84
CA ASN B 33 1.63 -11.94 1.86
C ASN B 33 1.40 -12.44 0.45
N TRP B 34 1.02 -11.53 -0.44
CA TRP B 34 1.18 -11.72 -1.86
C TRP B 34 2.47 -11.04 -2.28
N TRP B 35 2.92 -11.40 -3.48
CA TRP B 35 4.20 -10.91 -4.01
C TRP B 35 3.91 -10.22 -5.32
N SER B 36 4.47 -9.04 -5.52
CA SER B 36 3.99 -8.17 -6.60
C SER B 36 5.13 -7.63 -7.46
N TRP B 37 4.81 -7.33 -8.71
CA TRP B 37 5.68 -6.58 -9.61
C TRP B 37 4.98 -5.28 -10.00
N VAL B 38 5.71 -4.18 -9.93
CA VAL B 38 5.23 -2.85 -10.27
C VAL B 38 6.31 -2.22 -11.13
N ARG B 39 5.94 -1.66 -12.28
CA ARG B 39 6.96 -1.09 -13.15
C ARG B 39 6.74 0.40 -13.34
N GLN B 40 7.80 1.07 -13.76
CA GLN B 40 7.79 2.53 -13.91
C GLN B 40 8.50 2.88 -15.20
N PRO B 41 7.75 3.17 -16.27
CA PRO B 41 8.37 3.59 -17.54
C PRO B 41 9.15 4.88 -17.36
N PRO B 42 10.09 5.17 -18.26
CA PRO B 42 10.87 6.40 -18.15
C PRO B 42 10.00 7.64 -18.10
N GLY B 43 10.22 8.46 -17.06
CA GLY B 43 9.46 9.68 -16.87
C GLY B 43 8.00 9.51 -16.54
N LYS B 44 7.56 8.31 -16.16
CA LYS B 44 6.15 8.04 -15.91
C LYS B 44 5.95 7.66 -14.44
N GLY B 45 4.68 7.36 -14.11
CA GLY B 45 4.30 6.94 -12.78
C GLY B 45 4.41 5.44 -12.60
N LEU B 46 3.67 4.94 -11.61
CA LEU B 46 3.71 3.54 -11.22
C LEU B 46 2.58 2.76 -11.87
N GLU B 47 2.90 1.55 -12.33
CA GLU B 47 1.93 0.65 -12.96
C GLU B 47 2.11 -0.73 -12.37
N TRP B 48 1.11 -1.19 -11.63
CA TRP B 48 1.11 -2.57 -11.17
C TRP B 48 0.93 -3.52 -12.34
N ILE B 49 1.70 -4.60 -12.36
CA ILE B 49 1.53 -5.58 -13.43
C ILE B 49 1.08 -6.95 -12.93
N GLY B 50 1.36 -7.33 -11.69
CA GLY B 50 0.82 -8.59 -11.21
C GLY B 50 1.21 -8.86 -9.77
N SER B 51 0.43 -9.74 -9.13
CA SER B 51 0.72 -10.23 -7.80
C SER B 51 0.31 -11.69 -7.70
N MET B 52 1.04 -12.45 -6.88
CA MET B 52 0.73 -13.87 -6.73
C MET B 52 0.98 -14.32 -5.31
N HIS B 53 0.16 -15.24 -4.85
CA HIS B 53 0.22 -15.84 -3.52
C HIS B 53 0.81 -17.25 -3.66
N TYR B 54 1.43 -17.75 -2.59
CA TYR B 54 2.15 -19.02 -2.72
C TYR B 54 1.22 -20.19 -3.00
N SER B 55 -0.09 -20.03 -2.76
CA SER B 55 -1.08 -21.03 -3.15
C SER B 55 -1.20 -21.16 -4.66
N GLY B 56 -0.73 -20.17 -5.42
CA GLY B 56 -0.85 -20.16 -6.86
C GLY B 56 -1.84 -19.15 -7.38
N SER B 57 -2.70 -18.62 -6.52
CA SER B 57 -3.66 -17.60 -6.94
C SER B 57 -2.93 -16.34 -7.38
N SER B 58 -3.40 -15.74 -8.48
CA SER B 58 -2.70 -14.61 -9.08
C SER B 58 -3.68 -13.66 -9.75
N HIS B 59 -3.23 -12.41 -9.90
CA HIS B 59 -3.95 -11.41 -10.67
C HIS B 59 -2.93 -10.62 -11.45
N TYR B 60 -3.24 -10.32 -12.72
CA TYR B 60 -2.32 -9.60 -13.59
C TYR B 60 -3.01 -8.37 -14.16
N LYS B 61 -2.22 -7.40 -14.59
CA LYS B 61 -2.75 -6.29 -15.37
C LYS B 61 -3.45 -6.83 -16.62
N PRO B 62 -4.75 -6.57 -16.79
CA PRO B 62 -5.50 -7.26 -17.85
C PRO B 62 -4.95 -7.03 -19.26
N SER B 63 -4.41 -5.85 -19.55
CA SER B 63 -3.89 -5.64 -20.90
C SER B 63 -2.64 -6.46 -21.18
N LEU B 64 -2.05 -7.08 -20.16
CA LEU B 64 -0.86 -7.90 -20.31
C LEU B 64 -1.15 -9.39 -20.21
N LYS B 65 -2.42 -9.78 -20.08
CA LYS B 65 -2.76 -11.17 -19.74
C LYS B 65 -2.22 -12.16 -20.75
N SER B 66 -2.19 -11.79 -22.03
CA SER B 66 -1.72 -12.74 -23.03
C SER B 66 -0.20 -12.91 -23.05
N ARG B 67 0.53 -12.09 -22.29
CA ARG B 67 1.99 -12.12 -22.32
C ARG B 67 2.67 -12.37 -20.99
N ILE B 68 1.93 -12.39 -19.87
CA ILE B 68 2.54 -12.33 -18.55
C ILE B 68 2.24 -13.60 -17.78
N ALA B 69 3.19 -14.03 -16.97
CA ALA B 69 3.00 -15.14 -16.05
C ALA B 69 3.96 -14.98 -14.89
N MET B 70 3.49 -15.34 -13.71
CA MET B 70 4.34 -15.29 -12.51
C MET B 70 4.46 -16.67 -11.87
N SER B 71 5.44 -16.81 -10.98
CA SER B 71 5.57 -18.06 -10.22
C SER B 71 6.03 -17.69 -8.81
N VAL B 72 5.73 -18.56 -7.86
CA VAL B 72 6.20 -18.36 -6.46
C VAL B 72 6.92 -19.66 -6.10
N ASP B 73 8.19 -19.57 -5.69
CA ASP B 73 9.01 -20.74 -5.44
C ASP B 73 9.20 -20.88 -3.93
N THR B 74 8.42 -21.76 -3.31
CA THR B 74 8.48 -21.95 -1.86
C THR B 74 9.77 -22.62 -1.41
N SER B 75 10.50 -23.28 -2.32
CA SER B 75 11.73 -23.95 -1.91
C SER B 75 12.92 -23.01 -1.89
N LYS B 76 12.90 -21.96 -2.71
CA LYS B 76 13.98 -20.98 -2.77
C LYS B 76 13.63 -19.64 -2.13
N ASN B 77 12.40 -19.47 -1.66
CA ASN B 77 11.93 -18.20 -1.10
C ASN B 77 12.08 -17.06 -2.12
N GLN B 78 11.63 -17.32 -3.35
CA GLN B 78 11.74 -16.41 -4.49
C GLN B 78 10.41 -16.36 -5.24
N PHE B 79 10.21 -15.29 -5.98
CA PHE B 79 9.11 -15.26 -6.94
C PHE B 79 9.61 -14.59 -8.22
N SER B 80 8.89 -14.83 -9.31
CA SER B 80 9.45 -14.49 -10.62
C SER B 80 8.37 -13.87 -11.50
N LEU B 81 8.83 -13.24 -12.58
CA LEU B 81 8.04 -12.55 -13.58
C LEU B 81 8.50 -13.01 -14.95
N ASN B 82 7.56 -13.36 -15.82
CA ASN B 82 7.85 -13.63 -17.23
C ASN B 82 6.93 -12.76 -18.09
N LEU B 83 7.51 -11.97 -18.98
CA LEU B 83 6.75 -11.13 -19.89
C LEU B 83 7.21 -11.42 -21.32
N ASN B 84 6.36 -12.04 -22.12
CA ASN B 84 6.69 -12.47 -23.47
C ASN B 84 6.49 -11.34 -24.48
N SER B 85 7.13 -11.50 -25.63
CA SER B 85 6.87 -10.65 -26.81
C SER B 85 7.02 -9.17 -26.50
N VAL B 86 8.13 -8.81 -25.86
CA VAL B 86 8.30 -7.45 -25.37
C VAL B 86 8.52 -6.50 -26.54
N THR B 87 8.16 -5.23 -26.33
CA THR B 87 8.47 -4.11 -27.22
C THR B 87 9.00 -2.96 -26.38
N ALA B 88 9.35 -1.84 -27.03
CA ALA B 88 9.84 -0.68 -26.29
C ALA B 88 8.82 -0.16 -25.30
N ALA B 89 7.54 -0.55 -25.44
CA ALA B 89 6.54 -0.18 -24.46
C ALA B 89 6.80 -0.81 -23.09
N ASP B 90 7.64 -1.85 -23.04
CA ASP B 90 7.94 -2.54 -21.80
C ASP B 90 9.26 -2.09 -21.17
N THR B 91 9.97 -1.16 -21.79
CA THR B 91 11.14 -0.57 -21.16
C THR B 91 10.70 0.18 -19.90
N ALA B 92 11.33 -0.15 -18.78
CA ALA B 92 10.93 0.42 -17.48
C ALA B 92 11.89 -0.05 -16.40
N VAL B 93 11.78 0.59 -15.24
CA VAL B 93 12.27 0.01 -14.01
C VAL B 93 11.19 -0.89 -13.45
N TYR B 94 11.56 -2.13 -13.13
CA TYR B 94 10.64 -3.12 -12.56
C TYR B 94 11.00 -3.31 -11.09
N TYR B 95 10.03 -3.03 -10.21
CA TYR B 95 10.18 -3.24 -8.77
C TYR B 95 9.44 -4.50 -8.33
N CYS B 96 10.03 -5.27 -7.44
CA CYS B 96 9.21 -6.23 -6.71
C CYS B 96 8.83 -5.63 -5.36
N ALA B 97 7.73 -6.13 -4.81
CA ALA B 97 7.23 -5.61 -3.54
C ALA B 97 6.44 -6.69 -2.83
N ARG B 98 6.33 -6.53 -1.51
CA ARG B 98 5.43 -7.34 -0.71
C ARG B 98 4.06 -6.69 -0.72
N GLU B 99 3.02 -7.49 -0.93
CA GLU B 99 1.67 -6.96 -0.86
C GLU B 99 0.95 -7.69 0.27
N GLY B 100 0.88 -7.06 1.44
CA GLY B 100 0.25 -7.64 2.60
C GLY B 100 -1.01 -6.89 3.01
N GLY B 101 -1.78 -7.53 3.89
CA GLY B 101 -3.02 -6.96 4.38
C GLY B 101 -2.84 -6.28 5.73
N SER B 102 -3.63 -5.24 5.95
CA SER B 102 -3.65 -4.55 7.24
C SER B 102 -4.42 -5.39 8.28
N SER B 103 -4.25 -5.02 9.55
CA SER B 103 -4.87 -5.76 10.65
C SER B 103 -6.28 -5.26 10.99
N GLY B 104 -6.82 -4.31 10.24
CA GLY B 104 -8.17 -3.86 10.49
C GLY B 104 -9.22 -4.81 9.91
N TYR B 105 -10.47 -4.46 10.20
N TYR B 105 -10.49 -4.49 10.21
CA TYR B 105 -11.63 -5.19 9.70
CA TYR B 105 -11.58 -5.29 9.67
C TYR B 105 -11.58 -5.35 8.18
C TYR B 105 -11.50 -5.40 8.16
N ASP B 106 -11.16 -4.30 7.47
CA ASP B 106 -11.17 -4.32 6.01
C ASP B 106 -10.03 -5.14 5.41
N TYR B 107 -8.97 -5.43 6.15
CA TYR B 107 -7.83 -6.19 5.63
C TYR B 107 -7.33 -5.57 4.33
N VAL B 108 -6.89 -4.33 4.42
CA VAL B 108 -6.50 -3.55 3.24
C VAL B 108 -5.13 -4.02 2.77
N TYR B 109 -5.03 -4.43 1.51
CA TYR B 109 -3.72 -4.75 0.93
C TYR B 109 -2.95 -3.50 0.56
N TYR B 110 -1.63 -3.55 0.76
CA TYR B 110 -0.74 -2.43 0.45
C TYR B 110 0.62 -2.97 0.06
N PHE B 111 1.40 -2.15 -0.64
CA PHE B 111 2.74 -2.53 -1.06
C PHE B 111 3.77 -2.03 -0.05
N ASP B 112 4.70 -2.90 0.32
CA ASP B 112 5.71 -2.56 1.31
C ASP B 112 7.00 -3.30 0.96
N ASP B 113 8.09 -2.88 1.61
CA ASP B 113 9.37 -3.58 1.46
C ASP B 113 9.78 -3.70 -0.01
N TRP B 114 9.62 -2.60 -0.73
CA TRP B 114 9.93 -2.58 -2.16
C TRP B 114 11.41 -2.88 -2.39
N GLY B 115 11.69 -3.66 -3.44
CA GLY B 115 13.06 -3.83 -3.89
C GLY B 115 13.59 -2.56 -4.53
N GLN B 116 14.90 -2.55 -4.80
CA GLN B 116 15.54 -1.35 -5.34
C GLN B 116 15.20 -1.13 -6.81
N GLY B 117 14.69 -2.15 -7.48
CA GLY B 117 14.29 -2.05 -8.87
C GLY B 117 15.39 -2.49 -9.82
N THR B 118 14.99 -3.03 -10.96
CA THR B 118 15.96 -3.40 -11.98
C THR B 118 15.54 -2.73 -13.28
N THR B 119 16.51 -2.12 -13.95
CA THR B 119 16.21 -1.35 -15.16
C THR B 119 16.20 -2.31 -16.34
N VAL B 120 15.08 -2.35 -17.05
CA VAL B 120 14.91 -3.20 -18.23
C VAL B 120 14.84 -2.31 -19.45
N THR B 121 15.70 -2.58 -20.44
CA THR B 121 15.69 -1.87 -21.70
C THR B 121 15.41 -2.87 -22.82
N VAL B 122 14.40 -2.59 -23.63
CA VAL B 122 14.07 -3.44 -24.77
C VAL B 122 14.75 -2.81 -25.98
N SER B 123 15.75 -3.51 -26.52
CA SER B 123 16.59 -2.95 -27.56
C SER B 123 17.33 -4.07 -28.28
N SER B 124 17.53 -3.89 -29.58
CA SER B 124 18.36 -4.79 -30.36
C SER B 124 19.84 -4.46 -30.28
N ALA B 125 20.20 -3.31 -29.70
CA ALA B 125 21.60 -2.90 -29.61
C ALA B 125 22.34 -3.79 -28.62
N SER B 126 23.65 -3.86 -28.80
CA SER B 126 24.50 -4.71 -27.97
C SER B 126 24.96 -3.98 -26.72
N THR B 127 25.27 -4.74 -25.68
CA THR B 127 25.80 -4.17 -24.46
C THR B 127 27.21 -3.64 -24.68
N LYS B 128 27.52 -2.55 -23.99
CA LYS B 128 28.87 -1.94 -24.08
C LYS B 128 29.24 -1.36 -22.72
N GLY B 129 30.37 -1.78 -22.17
CA GLY B 129 30.84 -1.25 -20.92
C GLY B 129 31.41 0.16 -21.07
N PRO B 130 31.43 0.92 -19.99
CA PRO B 130 31.92 2.29 -20.06
C PRO B 130 33.44 2.36 -19.94
N SER B 131 33.98 3.47 -20.45
CA SER B 131 35.30 3.94 -20.05
C SER B 131 35.12 4.94 -18.92
N VAL B 132 36.07 4.94 -17.98
CA VAL B 132 35.97 5.80 -16.81
C VAL B 132 37.15 6.75 -16.82
N PHE B 133 36.86 8.06 -16.87
CA PHE B 133 37.92 9.05 -16.94
C PHE B 133 37.88 9.98 -15.72
N PRO B 134 39.04 10.41 -15.22
CA PRO B 134 39.06 11.30 -14.06
C PRO B 134 38.71 12.74 -14.43
N LEU B 135 38.03 13.39 -13.49
CA LEU B 135 37.74 14.83 -13.59
C LEU B 135 38.64 15.42 -12.49
N ALA B 136 39.83 15.88 -12.86
CA ALA B 136 40.85 16.27 -11.87
C ALA B 136 40.59 17.60 -11.16
N PRO B 137 40.86 17.64 -9.85
CA PRO B 137 40.68 18.86 -9.08
C PRO B 137 41.64 19.96 -9.56
N SER B 138 41.29 21.22 -9.36
CA SER B 138 42.05 22.35 -9.96
C SER B 138 43.36 22.64 -9.24
N SER B 139 44.40 22.96 -10.02
CA SER B 139 45.70 23.35 -9.43
C SER B 139 45.39 24.30 -8.28
N LYS B 140 44.61 25.35 -8.57
CA LYS B 140 44.13 26.25 -7.52
C LYS B 140 44.18 25.55 -6.15
N SER B 143 40.72 28.04 -6.14
CA SER B 143 39.36 28.18 -5.61
C SER B 143 39.40 28.67 -4.17
N GLY B 144 38.27 28.55 -3.49
CA GLY B 144 38.21 28.86 -2.07
C GLY B 144 38.72 27.70 -1.23
N GLY B 145 38.05 27.42 -0.12
CA GLY B 145 38.39 26.25 0.66
C GLY B 145 37.84 24.95 0.13
N THR B 146 37.09 25.00 -0.98
CA THR B 146 36.41 23.84 -1.54
C THR B 146 36.89 23.60 -2.97
N ALA B 147 37.25 22.36 -3.26
CA ALA B 147 37.57 21.93 -4.61
C ALA B 147 36.59 20.85 -5.05
N ALA B 148 36.43 20.71 -6.35
CA ALA B 148 35.59 19.67 -6.94
C ALA B 148 36.45 18.70 -7.74
N LEU B 149 36.06 17.43 -7.69
CA LEU B 149 36.67 16.39 -8.51
C LEU B 149 35.56 15.41 -8.88
N GLY B 150 35.85 14.51 -9.81
CA GLY B 150 34.81 13.59 -10.21
C GLY B 150 35.30 12.54 -11.18
N CYS B 151 34.35 11.78 -11.72
CA CYS B 151 34.62 10.78 -12.73
C CYS B 151 33.61 10.91 -13.86
N LEU B 152 34.09 10.77 -15.09
CA LEU B 152 33.25 10.72 -16.26
C LEU B 152 33.13 9.27 -16.72
N VAL B 153 31.89 8.77 -16.75
CA VAL B 153 31.59 7.38 -17.07
C VAL B 153 30.98 7.40 -18.47
N LYS B 154 31.77 7.08 -19.48
CA LYS B 154 31.49 7.42 -20.87
C LYS B 154 31.19 6.19 -21.71
N ASP B 155 30.17 6.32 -22.58
CA ASP B 155 29.94 5.41 -23.69
C ASP B 155 29.54 4.00 -23.27
N TYR B 156 28.40 3.87 -22.60
CA TYR B 156 27.95 2.56 -22.14
C TYR B 156 26.52 2.32 -22.58
N PHE B 157 26.12 1.05 -22.55
CA PHE B 157 24.76 0.67 -22.90
C PHE B 157 24.46 -0.72 -22.39
N PRO B 158 23.27 -0.97 -21.82
CA PRO B 158 22.20 0.00 -21.52
C PRO B 158 22.42 0.65 -20.17
N GLU B 159 21.47 1.47 -19.72
CA GLU B 159 21.42 1.86 -18.33
C GLU B 159 21.21 0.61 -17.48
N PRO B 160 21.60 0.64 -16.19
CA PRO B 160 22.22 1.73 -15.42
C PRO B 160 23.70 1.49 -15.10
N VAL B 161 24.38 2.49 -14.57
CA VAL B 161 25.65 2.28 -13.88
C VAL B 161 25.45 2.73 -12.43
N THR B 162 26.28 2.18 -11.55
CA THR B 162 26.38 2.70 -10.19
C THR B 162 27.80 3.25 -10.00
N VAL B 163 27.89 4.30 -9.21
CA VAL B 163 29.15 4.94 -8.88
C VAL B 163 29.18 5.13 -7.37
N SER B 164 30.26 4.67 -6.74
CA SER B 164 30.52 5.07 -5.37
C SER B 164 31.87 5.76 -5.31
N TRP B 165 32.17 6.33 -4.15
CA TRP B 165 33.42 7.01 -3.89
C TRP B 165 34.09 6.39 -2.68
N ASN B 166 35.36 6.02 -2.85
CA ASN B 166 36.14 5.39 -1.78
C ASN B 166 35.37 4.21 -1.20
N SER B 167 34.84 3.38 -2.09
CA SER B 167 34.12 2.15 -1.71
C SER B 167 32.94 2.44 -0.80
N GLY B 168 32.34 3.61 -0.92
CA GLY B 168 31.18 3.97 -0.12
C GLY B 168 31.47 4.80 1.11
N ALA B 169 32.74 4.96 1.47
CA ALA B 169 33.07 5.75 2.66
C ALA B 169 32.86 7.25 2.45
N LEU B 170 32.84 7.71 1.21
CA LEU B 170 32.64 9.12 0.88
C LEU B 170 31.28 9.29 0.22
N THR B 171 30.37 9.99 0.90
CA THR B 171 29.02 10.18 0.39
C THR B 171 28.60 11.65 0.47
N SER B 172 29.15 12.38 1.44
CA SER B 172 28.78 13.78 1.61
C SER B 172 29.32 14.61 0.45
N GLY B 173 28.44 15.41 -0.15
CA GLY B 173 28.83 16.28 -1.26
C GLY B 173 28.94 15.59 -2.61
N VAL B 174 28.57 14.31 -2.69
CA VAL B 174 28.58 13.60 -3.97
C VAL B 174 27.32 13.94 -4.74
N HIS B 175 27.47 14.27 -6.01
CA HIS B 175 26.35 14.38 -6.93
C HIS B 175 26.64 13.45 -8.11
N THR B 176 25.80 12.45 -8.30
CA THR B 176 25.87 11.62 -9.51
C THR B 176 24.72 12.02 -10.40
N PHE B 177 25.04 12.41 -11.62
CA PHE B 177 24.06 13.07 -12.46
C PHE B 177 23.26 12.07 -13.28
N PRO B 178 22.06 12.45 -13.71
CA PRO B 178 21.36 11.65 -14.71
C PRO B 178 22.22 11.46 -15.95
N ALA B 179 22.21 10.25 -16.48
CA ALA B 179 22.93 10.00 -17.72
C ALA B 179 22.28 10.77 -18.86
N VAL B 180 23.10 11.13 -19.85
CA VAL B 180 22.59 11.67 -21.10
C VAL B 180 22.80 10.61 -22.17
N LEU B 181 21.86 10.54 -23.12
CA LEU B 181 22.00 9.65 -24.28
C LEU B 181 22.68 10.43 -25.40
N GLN B 182 23.86 9.98 -25.81
CA GLN B 182 24.60 10.64 -26.87
C GLN B 182 24.04 10.23 -28.24
N SER B 183 24.45 10.98 -29.26
CA SER B 183 24.00 10.68 -30.62
C SER B 183 24.49 9.32 -31.09
N SER B 184 25.55 8.78 -30.49
CA SER B 184 26.01 7.44 -30.81
C SER B 184 25.06 6.36 -30.29
N GLY B 185 24.03 6.73 -29.52
CA GLY B 185 23.21 5.73 -28.88
C GLY B 185 23.81 5.15 -27.63
N LEU B 186 24.92 5.70 -27.14
CA LEU B 186 25.52 5.30 -25.88
C LEU B 186 25.29 6.37 -24.82
N TYR B 187 25.24 5.93 -23.55
CA TYR B 187 25.04 6.84 -22.44
C TYR B 187 26.38 7.35 -21.91
N SER B 188 26.29 8.49 -21.23
CA SER B 188 27.47 9.06 -20.55
C SER B 188 26.97 9.74 -19.29
N LEU B 189 27.72 9.59 -18.19
CA LEU B 189 27.26 10.11 -16.87
C LEU B 189 28.46 10.68 -16.10
N SER B 190 28.25 11.73 -15.31
CA SER B 190 29.32 12.27 -14.46
C SER B 190 28.94 12.12 -13.00
N SER B 191 29.93 11.81 -12.18
CA SER B 191 29.74 11.84 -10.74
C SER B 191 30.82 12.75 -10.17
N VAL B 192 30.44 13.69 -9.31
CA VAL B 192 31.39 14.64 -8.76
C VAL B 192 31.23 14.66 -7.24
N VAL B 193 32.24 15.21 -6.59
CA VAL B 193 32.20 15.43 -5.15
C VAL B 193 33.01 16.68 -4.84
N THR B 194 32.53 17.48 -3.89
CA THR B 194 33.28 18.62 -3.40
C THR B 194 33.97 18.25 -2.09
N VAL B 195 35.25 18.58 -1.98
CA VAL B 195 36.09 18.17 -0.86
C VAL B 195 36.85 19.40 -0.37
N PRO B 196 37.46 19.36 0.81
CA PRO B 196 38.31 20.48 1.22
C PRO B 196 39.53 20.56 0.32
N SER B 197 39.77 21.75 -0.24
CA SER B 197 40.93 21.93 -1.12
C SER B 197 42.23 21.70 -0.37
N SER B 198 42.25 21.94 0.94
CA SER B 198 43.45 21.69 1.72
C SER B 198 43.81 20.22 1.80
N SER B 199 42.89 19.32 1.44
CA SER B 199 43.11 17.88 1.57
C SER B 199 43.55 17.22 0.27
N LEU B 200 43.68 17.98 -0.83
CA LEU B 200 43.93 17.38 -2.13
C LEU B 200 45.24 16.61 -2.15
N GLY B 201 46.27 17.12 -1.48
CA GLY B 201 47.53 16.42 -1.45
C GLY B 201 47.59 15.26 -0.48
N THR B 202 46.67 15.20 0.48
CA THR B 202 46.74 14.23 1.56
C THR B 202 45.70 13.12 1.48
N GLN B 203 44.59 13.33 0.78
CA GLN B 203 43.49 12.37 0.74
C GLN B 203 43.40 11.72 -0.63
N THR B 204 43.14 10.43 -0.64
CA THR B 204 42.94 9.68 -1.89
C THR B 204 41.45 9.62 -2.22
N TYR B 205 41.13 9.81 -3.49
CA TYR B 205 39.75 9.81 -3.98
C TYR B 205 39.66 8.84 -5.15
N ILE B 206 38.85 7.79 -4.99
CA ILE B 206 38.67 6.78 -6.02
C ILE B 206 37.19 6.61 -6.28
N CYS B 207 36.80 6.66 -7.55
CA CYS B 207 35.42 6.37 -7.90
C CYS B 207 35.32 4.91 -8.33
N ASN B 208 34.29 4.24 -7.82
CA ASN B 208 34.05 2.83 -8.10
C ASN B 208 32.83 2.72 -8.99
N VAL B 209 33.02 2.21 -10.20
CA VAL B 209 31.98 2.18 -11.23
C VAL B 209 31.62 0.74 -11.52
N ASN B 210 30.31 0.48 -11.52
CA ASN B 210 29.81 -0.86 -11.85
C ASN B 210 28.78 -0.76 -12.98
N HIS B 211 29.00 -1.52 -14.03
CA HIS B 211 28.03 -1.65 -15.12
C HIS B 211 27.71 -3.14 -15.27
N LYS B 212 26.66 -3.60 -14.57
CA LYS B 212 26.34 -5.02 -14.57
C LYS B 212 26.02 -5.61 -15.95
N PRO B 213 25.27 -4.95 -16.85
CA PRO B 213 25.02 -5.57 -18.16
C PRO B 213 26.28 -5.98 -18.91
N SER B 214 27.38 -5.25 -18.75
CA SER B 214 28.61 -5.60 -19.44
C SER B 214 29.63 -6.28 -18.54
N ASN B 215 29.27 -6.55 -17.29
CA ASN B 215 30.19 -7.14 -16.31
C ASN B 215 31.43 -6.27 -16.12
N THR B 216 31.24 -4.95 -16.17
CA THR B 216 32.33 -3.98 -16.00
C THR B 216 32.42 -3.54 -14.54
N LYS B 217 33.62 -3.65 -13.97
CA LYS B 217 33.91 -3.10 -12.64
C LYS B 217 35.23 -2.34 -12.71
N VAL B 218 35.18 -1.04 -12.49
CA VAL B 218 36.36 -0.18 -12.66
C VAL B 218 36.49 0.71 -11.44
N ASP B 219 37.71 0.82 -10.93
CA ASP B 219 38.09 1.86 -9.99
C ASP B 219 38.97 2.86 -10.72
N LYS B 220 38.80 4.15 -10.44
CA LYS B 220 39.63 5.19 -11.03
C LYS B 220 40.07 6.17 -9.95
N LYS B 221 41.37 6.26 -9.73
CA LYS B 221 41.93 7.25 -8.83
C LYS B 221 41.89 8.62 -9.51
N VAL B 222 41.41 9.62 -8.79
CA VAL B 222 41.28 10.98 -9.30
C VAL B 222 42.29 11.85 -8.56
N GLU B 223 43.32 12.27 -9.27
CA GLU B 223 44.45 12.98 -8.71
C GLU B 223 44.55 14.39 -9.29
N PRO B 224 45.01 15.37 -8.51
CA PRO B 224 45.31 16.69 -9.05
C PRO B 224 46.52 16.64 -9.97
N ASP C 1 -11.72 -0.45 -14.53
CA ASP C 1 -10.68 0.00 -13.62
C ASP C 1 -11.11 1.21 -12.80
N ILE C 2 -10.62 1.28 -11.57
CA ILE C 2 -10.87 2.44 -10.72
C ILE C 2 -9.75 3.45 -10.98
N GLN C 3 -10.11 4.60 -11.55
CA GLN C 3 -9.14 5.66 -11.80
C GLN C 3 -8.91 6.49 -10.55
N MET C 4 -7.64 6.76 -10.24
CA MET C 4 -7.24 7.57 -9.09
C MET C 4 -6.69 8.89 -9.64
N THR C 5 -7.25 10.00 -9.17
CA THR C 5 -6.85 11.34 -9.62
C THR C 5 -6.38 12.15 -8.43
N GLN C 6 -5.15 12.64 -8.47
CA GLN C 6 -4.58 13.43 -7.39
C GLN C 6 -4.62 14.91 -7.73
N SER C 7 -4.66 15.75 -6.69
CA SER C 7 -4.68 17.20 -6.85
C SER C 7 -3.80 17.80 -5.77
N PRO C 8 -2.90 18.74 -6.11
CA PRO C 8 -2.53 19.17 -7.45
C PRO C 8 -1.61 18.12 -8.07
N SER C 9 -1.14 18.30 -9.30
CA SER C 9 -0.11 17.41 -9.84
C SER C 9 1.30 17.83 -9.44
N SER C 10 1.50 19.09 -9.07
CA SER C 10 2.74 19.53 -8.46
C SER C 10 2.46 20.74 -7.58
N LEU C 11 3.38 21.00 -6.66
CA LEU C 11 3.24 22.14 -5.75
C LEU C 11 4.61 22.52 -5.23
N SER C 12 4.72 23.76 -4.79
CA SER C 12 5.95 24.31 -4.24
C SER C 12 5.66 24.87 -2.86
N ALA C 13 6.46 24.48 -1.87
CA ALA C 13 6.23 24.93 -0.51
C ALA C 13 7.56 25.15 0.19
N SER C 14 7.51 25.90 1.28
CA SER C 14 8.69 26.20 2.07
C SER C 14 8.81 25.24 3.24
N VAL C 15 10.04 25.09 3.73
CA VAL C 15 10.27 24.29 4.93
C VAL C 15 9.40 24.83 6.05
N GLY C 16 8.71 23.92 6.76
CA GLY C 16 7.81 24.31 7.83
C GLY C 16 6.36 24.51 7.42
N ASP C 17 6.07 24.59 6.13
CA ASP C 17 4.71 24.73 5.65
C ASP C 17 3.92 23.44 5.88
N ARG C 18 2.59 23.59 5.95
CA ARG C 18 1.67 22.47 5.85
C ARG C 18 1.37 22.17 4.39
N VAL C 19 1.60 20.91 3.98
CA VAL C 19 1.36 20.48 2.61
C VAL C 19 0.16 19.55 2.60
N THR C 20 -0.75 19.77 1.66
CA THR C 20 -1.98 19.00 1.56
C THR C 20 -2.11 18.50 0.12
N ILE C 21 -2.31 17.19 -0.03
CA ILE C 21 -2.50 16.56 -1.31
C ILE C 21 -3.76 15.73 -1.22
N THR C 22 -4.64 15.86 -2.20
CA THR C 22 -5.87 15.07 -2.17
C THR C 22 -5.87 14.05 -3.31
N CYS C 23 -6.76 13.08 -3.19
CA CYS C 23 -6.84 11.98 -4.15
C CYS C 23 -8.31 11.60 -4.25
N ARG C 24 -8.80 11.39 -5.48
CA ARG C 24 -10.18 10.98 -5.68
C ARG C 24 -10.24 9.69 -6.49
N ALA C 25 -11.02 8.72 -6.01
CA ALA C 25 -11.28 7.48 -6.73
C ALA C 25 -12.54 7.62 -7.59
N SER C 26 -12.51 7.03 -8.78
CA SER C 26 -13.63 7.13 -9.70
C SER C 26 -14.86 6.37 -9.22
N GLN C 27 -14.72 5.51 -8.22
CA GLN C 27 -15.85 4.95 -7.50
C GLN C 27 -15.44 4.76 -6.05
N SER C 28 -16.42 4.51 -5.20
CA SER C 28 -16.15 4.35 -3.79
C SER C 28 -15.23 3.16 -3.56
N ILE C 29 -14.24 3.34 -2.67
CA ILE C 29 -13.29 2.28 -2.34
C ILE C 29 -13.14 2.17 -0.83
N SER C 30 -14.12 2.71 -0.09
CA SER C 30 -14.09 2.64 1.37
C SER C 30 -12.77 3.18 1.91
N SER C 31 -12.04 2.38 2.68
CA SER C 31 -10.74 2.79 3.21
C SER C 31 -9.56 2.07 2.56
N TYR C 32 -9.76 1.50 1.37
CA TYR C 32 -8.72 0.72 0.70
C TYR C 32 -7.80 1.64 -0.11
N LEU C 33 -7.06 2.48 0.61
CA LEU C 33 -6.31 3.56 -0.02
C LEU C 33 -4.99 3.75 0.70
N ASN C 34 -3.90 3.71 -0.05
CA ASN C 34 -2.55 3.81 0.49
C ASN C 34 -1.81 4.96 -0.16
N TRP C 35 -0.84 5.53 0.56
CA TRP C 35 -0.02 6.63 0.07
C TRP C 35 1.44 6.24 0.09
N TYR C 36 2.16 6.56 -1.01
CA TYR C 36 3.58 6.25 -1.16
C TYR C 36 4.35 7.51 -1.43
N GLN C 37 5.61 7.50 -0.97
CA GLN C 37 6.58 8.53 -1.24
C GLN C 37 7.69 7.97 -2.13
N GLN C 38 8.03 8.66 -3.21
CA GLN C 38 9.14 8.22 -4.06
C GLN C 38 10.17 9.33 -4.20
N LYS C 39 11.36 9.09 -3.66
CA LYS C 39 12.44 10.06 -3.77
C LYS C 39 13.28 9.77 -5.01
N PRO C 40 14.06 10.75 -5.47
CA PRO C 40 14.81 10.58 -6.73
C PRO C 40 15.76 9.39 -6.69
N GLY C 41 15.65 8.55 -7.71
CA GLY C 41 16.49 7.38 -7.83
C GLY C 41 16.21 6.27 -6.84
N LYS C 42 15.05 6.27 -6.20
CA LYS C 42 14.75 5.29 -5.19
C LYS C 42 13.39 4.65 -5.46
N ALA C 43 13.19 3.49 -4.85
CA ALA C 43 11.90 2.82 -4.97
C ALA C 43 10.88 3.57 -4.12
N PRO C 44 9.58 3.48 -4.47
CA PRO C 44 8.54 4.04 -3.61
C PRO C 44 8.62 3.47 -2.20
N LYS C 45 8.12 4.27 -1.24
CA LYS C 45 8.10 3.88 0.16
C LYS C 45 6.71 4.12 0.72
N LEU C 46 6.19 3.15 1.47
CA LEU C 46 4.86 3.28 2.04
C LEU C 46 4.87 4.31 3.16
N LEU C 47 3.93 5.25 3.12
CA LEU C 47 3.70 6.22 4.19
C LEU C 47 2.47 5.89 5.00
N ILE C 48 1.34 5.72 4.32
CA ILE C 48 0.03 5.55 4.94
C ILE C 48 -0.65 4.37 4.27
N TYR C 49 -1.22 3.45 5.07
CA TYR C 49 -2.03 2.38 4.51
C TYR C 49 -3.41 2.41 5.15
N ALA C 50 -4.38 1.84 4.44
CA ALA C 50 -5.77 1.79 4.92
C ALA C 50 -6.27 3.19 5.27
N ALA C 51 -5.92 4.15 4.42
CA ALA C 51 -6.37 5.54 4.40
C ALA C 51 -5.77 6.41 5.51
N SER C 52 -5.55 5.86 6.71
CA SER C 52 -5.10 6.72 7.80
C SER C 52 -4.11 6.07 8.74
N SER C 53 -3.67 4.84 8.49
CA SER C 53 -2.72 4.18 9.36
C SER C 53 -1.30 4.56 8.97
N LEU C 54 -0.57 5.17 9.91
CA LEU C 54 0.81 5.55 9.70
C LEU C 54 1.72 4.32 9.78
N GLN C 55 2.51 4.11 8.73
CA GLN C 55 3.49 3.04 8.71
C GLN C 55 4.52 3.23 9.81
N SER C 56 4.89 2.14 10.47
CA SER C 56 5.90 2.20 11.54
C SER C 56 7.19 2.83 11.03
N GLY C 57 7.75 3.73 11.83
CA GLY C 57 8.98 4.40 11.49
C GLY C 57 8.81 5.68 10.69
N VAL C 58 7.64 5.91 10.09
CA VAL C 58 7.41 7.11 9.31
C VAL C 58 7.13 8.25 10.29
N PRO C 59 7.69 9.44 10.09
CA PRO C 59 7.43 10.56 11.01
C PRO C 59 5.96 10.91 11.11
N SER C 60 5.55 11.31 12.32
CA SER C 60 4.15 11.64 12.56
C SER C 60 3.71 12.91 11.87
N ARG C 61 4.61 13.65 11.22
CA ARG C 61 4.15 14.79 10.44
C ARG C 61 3.34 14.35 9.23
N PHE C 62 3.43 13.09 8.85
CA PHE C 62 2.58 12.53 7.79
C PHE C 62 1.31 11.95 8.37
N SER C 63 0.19 12.25 7.71
CA SER C 63 -1.10 11.71 8.15
C SER C 63 -2.04 11.63 6.96
N GLY C 64 -2.94 10.64 7.01
CA GLY C 64 -3.94 10.48 5.96
C GLY C 64 -5.34 10.48 6.56
N SER C 65 -6.31 10.89 5.74
CA SER C 65 -7.70 10.91 6.16
C SER C 65 -8.58 10.67 4.94
N GLY C 66 -9.84 10.32 5.20
CA GLY C 66 -10.79 10.14 4.13
C GLY C 66 -11.32 8.73 4.04
N SER C 67 -12.43 8.57 3.32
CA SER C 67 -13.06 7.29 3.08
C SER C 67 -14.12 7.48 2.01
N GLY C 68 -14.34 6.44 1.21
CA GLY C 68 -15.25 6.56 0.09
C GLY C 68 -14.53 6.85 -1.21
N THR C 69 -14.63 8.09 -1.70
CA THR C 69 -13.89 8.49 -2.90
C THR C 69 -12.79 9.51 -2.64
N ASP C 70 -12.88 10.30 -1.56
CA ASP C 70 -12.05 11.48 -1.38
C ASP C 70 -11.09 11.28 -0.22
N PHE C 71 -9.79 11.45 -0.49
CA PHE C 71 -8.77 11.18 0.52
C PHE C 71 -7.79 12.34 0.56
N THR C 72 -7.07 12.46 1.69
CA THR C 72 -6.14 13.55 1.91
C THR C 72 -4.88 13.08 2.58
N LEU C 73 -3.74 13.42 1.99
CA LEU C 73 -2.45 13.29 2.65
C LEU C 73 -2.02 14.67 3.14
N THR C 74 -1.57 14.74 4.38
CA THR C 74 -1.11 15.98 4.97
C THR C 74 0.31 15.80 5.46
N ILE C 75 1.19 16.74 5.13
CA ILE C 75 2.50 16.86 5.75
C ILE C 75 2.43 18.08 6.65
N SER C 76 2.48 17.86 7.97
CA SER C 76 2.16 18.94 8.90
C SER C 76 3.22 20.03 8.88
N SER C 77 4.49 19.66 8.73
CA SER C 77 5.60 20.62 8.74
C SER C 77 6.68 20.14 7.78
N LEU C 78 6.60 20.62 6.54
CA LEU C 78 7.47 20.13 5.46
C LEU C 78 8.95 20.28 5.80
N GLN C 79 9.72 19.22 5.59
CA GLN C 79 11.16 19.19 5.76
C GLN C 79 11.85 19.03 4.41
N PRO C 80 13.12 19.43 4.31
CA PRO C 80 13.82 19.30 3.02
C PRO C 80 13.84 17.86 2.51
N GLU C 81 13.99 16.88 3.41
CA GLU C 81 14.03 15.50 2.97
C GLU C 81 12.69 15.00 2.45
N ASP C 82 11.63 15.79 2.53
CA ASP C 82 10.33 15.41 2.01
C ASP C 82 10.16 15.72 0.52
N PHE C 83 11.18 16.29 -0.13
CA PHE C 83 11.13 16.43 -1.59
C PHE C 83 10.94 15.06 -2.21
N ALA C 84 9.90 14.91 -3.02
CA ALA C 84 9.53 13.60 -3.55
C ALA C 84 8.29 13.75 -4.41
N THR C 85 7.95 12.68 -5.12
CA THR C 85 6.64 12.51 -5.74
C THR C 85 5.81 11.57 -4.86
N TYR C 86 4.56 11.96 -4.59
CA TYR C 86 3.67 11.20 -3.73
C TYR C 86 2.56 10.57 -4.59
N TYR C 87 2.21 9.31 -4.28
CA TYR C 87 1.22 8.56 -5.04
C TYR C 87 0.18 7.97 -4.11
N CYS C 88 -1.09 8.09 -4.50
CA CYS C 88 -2.14 7.30 -3.87
C CYS C 88 -2.37 6.02 -4.66
N GLN C 89 -3.02 5.04 -4.03
CA GLN C 89 -3.21 3.74 -4.66
C GLN C 89 -4.37 3.02 -3.99
N GLN C 90 -5.25 2.43 -4.80
CA GLN C 90 -6.39 1.69 -4.26
C GLN C 90 -6.15 0.19 -4.34
N SER C 91 -6.67 -0.52 -3.33
CA SER C 91 -6.65 -1.98 -3.29
C SER C 91 -8.04 -2.56 -3.07
N TYR C 92 -9.10 -1.81 -3.40
CA TYR C 92 -10.45 -2.36 -3.33
C TYR C 92 -10.75 -3.32 -4.49
N SER C 93 -9.99 -3.23 -5.58
CA SER C 93 -10.33 -3.93 -6.81
C SER C 93 -9.06 -4.35 -7.53
N THR C 94 -9.23 -5.12 -8.61
CA THR C 94 -8.18 -5.36 -9.58
C THR C 94 -8.57 -4.77 -10.92
N PRO C 95 -7.60 -4.25 -11.69
CA PRO C 95 -6.18 -4.11 -11.37
C PRO C 95 -5.95 -3.13 -10.22
N ARG C 96 -4.85 -3.30 -9.47
CA ARG C 96 -4.40 -2.25 -8.59
C ARG C 96 -4.07 -1.02 -9.44
N THR C 97 -4.47 0.15 -8.97
CA THR C 97 -4.26 1.37 -9.73
C THR C 97 -3.69 2.46 -8.84
N PHE C 98 -2.84 3.29 -9.43
CA PHE C 98 -2.18 4.40 -8.76
C PHE C 98 -2.68 5.72 -9.32
N GLY C 99 -2.73 6.73 -8.46
CA GLY C 99 -2.84 8.10 -8.93
C GLY C 99 -1.62 8.50 -9.74
N GLN C 100 -1.72 9.66 -10.40
CA GLN C 100 -0.70 10.05 -11.37
C GLN C 100 0.58 10.54 -10.73
N GLY C 101 0.57 10.81 -9.44
CA GLY C 101 1.70 11.37 -8.72
C GLY C 101 1.54 12.87 -8.48
N THR C 102 2.04 13.32 -7.34
CA THR C 102 2.09 14.74 -7.02
C THR C 102 3.51 15.09 -6.63
N LYS C 103 4.15 15.99 -7.38
CA LYS C 103 5.52 16.39 -7.09
C LYS C 103 5.53 17.51 -6.05
N VAL C 104 6.29 17.33 -4.99
CA VAL C 104 6.44 18.35 -3.96
C VAL C 104 7.81 18.95 -4.14
N GLU C 105 7.85 20.21 -4.57
CA GLU C 105 9.08 20.98 -4.71
C GLU C 105 9.25 21.88 -3.49
N ILE C 106 10.50 22.16 -3.14
CA ILE C 106 10.81 22.92 -1.94
C ILE C 106 11.36 24.27 -2.37
N LYS C 107 10.67 25.34 -1.96
CA LYS C 107 11.14 26.69 -2.21
C LYS C 107 12.13 27.08 -1.12
N ARG C 108 13.23 27.71 -1.52
CA ARG C 108 14.26 28.12 -0.58
C ARG C 108 14.87 29.43 -1.09
N THR C 109 15.86 29.93 -0.37
CA THR C 109 16.47 31.18 -0.79
C THR C 109 17.38 30.94 -2.00
N VAL C 110 17.63 32.03 -2.73
CA VAL C 110 18.51 31.97 -3.90
C VAL C 110 19.91 31.60 -3.44
N ALA C 111 20.55 30.70 -4.21
CA ALA C 111 21.92 30.32 -3.93
C ALA C 111 22.70 30.30 -5.24
N ALA C 112 23.81 31.03 -5.29
CA ALA C 112 24.62 31.06 -6.50
C ALA C 112 25.38 29.73 -6.68
N PRO C 113 25.57 29.29 -7.93
CA PRO C 113 26.35 28.08 -8.16
C PRO C 113 27.83 28.34 -7.94
N SER C 114 28.52 27.33 -7.40
CA SER C 114 29.97 27.26 -7.52
C SER C 114 30.26 26.59 -8.86
N VAL C 115 31.15 27.20 -9.65
CA VAL C 115 31.40 26.75 -11.02
C VAL C 115 32.81 26.18 -11.11
N PHE C 116 32.93 25.03 -11.78
CA PHE C 116 34.20 24.35 -11.96
C PHE C 116 34.29 23.86 -13.39
N ILE C 117 35.48 23.92 -13.98
CA ILE C 117 35.70 23.40 -15.32
C ILE C 117 36.79 22.32 -15.25
N PHE C 118 36.60 21.26 -16.02
CA PHE C 118 37.51 20.11 -16.04
C PHE C 118 38.00 19.86 -17.45
N PRO C 119 39.30 19.87 -17.70
CA PRO C 119 39.83 19.47 -19.01
C PRO C 119 39.71 17.98 -19.23
N PRO C 120 39.80 17.51 -20.46
CA PRO C 120 39.84 16.07 -20.71
C PRO C 120 41.09 15.45 -20.09
N SER C 121 40.98 14.17 -19.73
CA SER C 121 42.12 13.46 -19.21
C SER C 121 43.06 13.04 -20.34
N ASP C 122 44.33 12.86 -19.98
CA ASP C 122 45.26 12.30 -20.95
C ASP C 122 44.81 10.92 -21.42
N GLU C 123 44.14 10.16 -20.55
CA GLU C 123 43.65 8.84 -20.93
C GLU C 123 42.62 8.93 -22.05
N GLN C 124 41.62 9.81 -21.90
CA GLN C 124 40.61 9.91 -22.94
C GLN C 124 41.20 10.40 -24.25
N LEU C 125 42.10 11.38 -24.18
CA LEU C 125 42.74 11.90 -25.38
C LEU C 125 43.37 10.78 -26.19
N LYS C 126 44.03 9.82 -25.53
CA LYS C 126 44.63 8.68 -26.22
C LYS C 126 43.60 7.88 -27.01
N SER C 127 42.33 7.94 -26.65
CA SER C 127 41.28 7.23 -27.38
C SER C 127 40.69 8.04 -28.52
N GLY C 128 41.13 9.29 -28.73
CA GLY C 128 40.71 10.07 -29.88
C GLY C 128 39.57 11.04 -29.62
N THR C 129 39.09 11.16 -28.38
CA THR C 129 37.99 12.05 -28.05
C THR C 129 38.40 12.91 -26.85
N ALA C 130 37.82 14.11 -26.78
CA ALA C 130 38.03 15.00 -25.66
C ALA C 130 36.67 15.42 -25.14
N SER C 131 36.44 15.18 -23.86
CA SER C 131 35.27 15.70 -23.16
C SER C 131 35.73 16.76 -22.17
N VAL C 132 35.12 17.95 -22.24
CA VAL C 132 35.35 19.02 -21.30
C VAL C 132 34.08 19.15 -20.46
N VAL C 133 34.24 19.22 -19.14
CA VAL C 133 33.09 19.22 -18.23
C VAL C 133 33.04 20.55 -17.47
N CYS C 134 31.87 21.16 -17.44
CA CYS C 134 31.58 22.33 -16.61
C CYS C 134 30.55 21.90 -15.57
N LEU C 135 30.84 22.17 -14.29
CA LEU C 135 29.99 21.79 -13.18
C LEU C 135 29.48 23.03 -12.48
N LEU C 136 28.16 23.11 -12.28
CA LEU C 136 27.52 24.18 -11.52
C LEU C 136 26.97 23.51 -10.28
N ASN C 137 27.51 23.84 -9.11
CA ASN C 137 27.24 23.07 -7.90
C ASN C 137 26.37 23.86 -6.91
N ASN C 138 25.30 23.21 -6.45
CA ASN C 138 24.50 23.63 -5.29
C ASN C 138 23.89 25.02 -5.47
N PHE C 139 23.01 25.16 -6.46
CA PHE C 139 22.40 26.45 -6.73
C PHE C 139 20.88 26.37 -6.66
N TYR C 140 20.25 27.55 -6.55
CA TYR C 140 18.80 27.67 -6.51
C TYR C 140 18.45 29.07 -6.97
N PRO C 141 17.41 29.26 -7.81
CA PRO C 141 16.50 28.26 -8.39
C PRO C 141 17.13 27.53 -9.58
N ARG C 142 16.32 26.71 -10.27
CA ARG C 142 16.85 25.77 -11.25
C ARG C 142 17.34 26.48 -12.52
N GLU C 143 16.77 27.63 -12.84
CA GLU C 143 17.06 28.29 -14.09
C GLU C 143 18.52 28.73 -14.14
N ALA C 144 19.27 28.21 -15.11
CA ALA C 144 20.68 28.55 -15.27
C ALA C 144 21.01 28.44 -16.75
N LYS C 145 21.98 29.22 -17.20
CA LYS C 145 22.49 29.12 -18.57
C LYS C 145 23.98 28.86 -18.55
N VAL C 146 24.41 27.85 -19.29
CA VAL C 146 25.82 27.54 -19.52
C VAL C 146 26.11 27.83 -21.00
N GLN C 147 27.09 28.68 -21.25
CA GLN C 147 27.54 28.95 -22.62
C GLN C 147 28.99 28.50 -22.75
N TRP C 148 29.23 27.56 -23.65
CA TRP C 148 30.59 27.10 -23.95
C TRP C 148 31.25 28.02 -24.96
N LYS C 149 32.54 28.28 -24.74
CA LYS C 149 33.33 29.11 -25.64
C LYS C 149 34.66 28.41 -25.86
N VAL C 150 35.09 28.36 -27.12
CA VAL C 150 36.36 27.75 -27.50
C VAL C 150 37.11 28.80 -28.32
N ASP C 151 38.17 29.36 -27.74
CA ASP C 151 38.83 30.56 -28.27
C ASP C 151 37.78 31.62 -28.65
N ASN C 152 36.85 31.84 -27.72
CA ASN C 152 35.75 32.80 -27.82
C ASN C 152 34.73 32.49 -28.89
N ALA C 153 34.81 31.33 -29.57
CA ALA C 153 33.73 30.91 -30.45
C ALA C 153 32.56 30.40 -29.61
N LEU C 154 31.38 31.00 -29.81
CA LEU C 154 30.17 30.64 -29.06
C LEU C 154 29.60 29.32 -29.59
N GLN C 155 29.69 28.27 -28.79
CA GLN C 155 29.19 26.96 -29.23
C GLN C 155 27.66 26.93 -29.18
N SER C 156 27.03 26.39 -30.24
CA SER C 156 25.61 26.07 -30.19
C SER C 156 25.32 24.59 -30.16
N GLY C 157 26.26 23.76 -30.59
CA GLY C 157 26.08 22.32 -30.47
C GLY C 157 27.22 21.76 -29.67
N ASN C 158 27.44 20.45 -29.81
CA ASN C 158 28.57 19.73 -29.22
C ASN C 158 28.50 19.61 -27.71
N SER C 159 27.38 19.94 -27.08
CA SER C 159 27.27 19.80 -25.64
C SER C 159 25.96 19.13 -25.26
N GLN C 160 25.98 18.50 -24.09
CA GLN C 160 24.79 17.99 -23.43
C GLN C 160 24.92 18.26 -21.93
N GLU C 161 23.78 18.41 -21.28
CA GLU C 161 23.80 18.71 -19.86
C GLU C 161 22.76 17.88 -19.14
N SER C 162 22.98 17.73 -17.84
CA SER C 162 22.11 17.00 -16.94
C SER C 162 22.02 17.78 -15.62
N VAL C 163 20.85 17.72 -14.99
CA VAL C 163 20.62 18.43 -13.74
C VAL C 163 20.14 17.43 -12.71
N THR C 164 20.64 17.54 -11.48
CA THR C 164 20.10 16.72 -10.41
C THR C 164 18.75 17.25 -9.95
N GLU C 165 18.03 16.41 -9.21
CA GLU C 165 16.85 16.83 -8.50
C GLU C 165 17.25 17.54 -7.22
N GLN C 166 16.29 18.25 -6.61
CA GLN C 166 16.58 19.00 -5.40
C GLN C 166 17.24 18.13 -4.34
N ASP C 167 18.30 18.65 -3.74
CA ASP C 167 19.03 17.91 -2.73
C ASP C 167 18.18 17.70 -1.47
N SER C 168 18.28 16.50 -0.90
CA SER C 168 17.43 16.18 0.25
C SER C 168 17.81 16.94 1.52
N LYS C 169 18.99 17.55 1.56
CA LYS C 169 19.43 18.31 2.73
C LYS C 169 19.30 19.82 2.54
N ASP C 170 19.79 20.36 1.43
CA ASP C 170 19.81 21.82 1.24
C ASP C 170 18.92 22.30 0.10
N SER C 171 18.19 21.41 -0.56
CA SER C 171 17.17 21.76 -1.56
C SER C 171 17.74 22.45 -2.80
N THR C 172 19.06 22.37 -3.02
CA THR C 172 19.64 22.99 -4.21
C THR C 172 19.70 21.99 -5.37
N TYR C 173 20.06 22.54 -6.54
CA TYR C 173 20.33 21.78 -7.74
C TYR C 173 21.81 21.81 -8.07
N SER C 174 22.24 20.85 -8.87
CA SER C 174 23.55 20.90 -9.50
C SER C 174 23.39 20.52 -10.96
N LEU C 175 24.32 20.97 -11.78
CA LEU C 175 24.23 20.80 -13.22
C LEU C 175 25.60 20.44 -13.77
N SER C 176 25.62 19.47 -14.68
CA SER C 176 26.84 19.04 -15.35
C SER C 176 26.65 19.21 -16.84
N SER C 177 27.56 19.91 -17.50
CA SER C 177 27.53 20.11 -18.94
C SER C 177 28.81 19.54 -19.53
N THR C 178 28.67 18.76 -20.60
CA THR C 178 29.81 18.14 -21.26
C THR C 178 29.93 18.66 -22.68
N LEU C 179 31.06 19.26 -22.99
CA LEU C 179 31.42 19.60 -24.36
C LEU C 179 32.32 18.51 -24.92
N THR C 180 31.97 17.99 -26.09
CA THR C 180 32.66 16.85 -26.68
C THR C 180 33.20 17.24 -28.05
N LEU C 181 34.51 17.09 -28.23
CA LEU C 181 35.16 17.32 -29.51
C LEU C 181 36.02 16.11 -29.84
N SER C 182 36.43 16.02 -31.10
CA SER C 182 37.49 15.08 -31.44
C SER C 182 38.80 15.57 -30.83
N LYS C 183 39.71 14.62 -30.59
CA LYS C 183 41.03 15.00 -30.08
C LYS C 183 41.73 15.93 -31.07
N ALA C 184 41.54 15.69 -32.36
CA ALA C 184 42.12 16.55 -33.39
C ALA C 184 41.62 17.98 -33.26
N ASP C 185 40.30 18.15 -33.12
CA ASP C 185 39.74 19.49 -32.93
C ASP C 185 40.20 20.10 -31.61
N TYR C 186 40.19 19.31 -30.54
CA TYR C 186 40.57 19.82 -29.23
C TYR C 186 41.97 20.40 -29.24
N GLU C 187 42.91 19.74 -29.91
CA GLU C 187 44.30 20.20 -29.84
C GLU C 187 44.59 21.37 -30.77
N LYS C 188 43.60 21.84 -31.53
CA LYS C 188 43.76 23.01 -32.40
C LYS C 188 43.36 24.32 -31.73
N HIS C 189 42.93 24.28 -30.47
CA HIS C 189 42.42 25.48 -29.82
C HIS C 189 43.07 25.61 -28.45
N LYS C 190 43.09 26.84 -27.94
CA LYS C 190 43.82 27.14 -26.71
C LYS C 190 42.91 27.29 -25.49
N VAL C 191 41.92 28.19 -25.55
CA VAL C 191 41.14 28.56 -24.37
C VAL C 191 39.77 27.89 -24.42
N TYR C 192 39.50 27.07 -23.42
CA TYR C 192 38.20 26.44 -23.23
C TYR C 192 37.54 27.10 -22.04
N ALA C 193 36.30 27.55 -22.22
CA ALA C 193 35.64 28.34 -21.20
C ALA C 193 34.16 27.99 -21.12
N CYS C 194 33.61 27.99 -19.93
N CYS C 194 33.62 28.16 -19.94
CA CYS C 194 32.17 27.95 -19.77
CA CYS C 194 32.21 27.93 -19.64
C CYS C 194 31.77 29.20 -19.01
C CYS C 194 31.69 29.16 -18.92
N GLU C 195 30.78 29.90 -19.55
CA GLU C 195 30.26 31.12 -18.96
C GLU C 195 28.87 30.86 -18.43
N VAL C 196 28.65 31.16 -17.15
CA VAL C 196 27.44 30.78 -16.44
C VAL C 196 26.67 32.05 -16.08
N THR C 197 25.39 32.07 -16.41
CA THR C 197 24.46 33.12 -16.01
C THR C 197 23.46 32.52 -15.04
N HIS C 198 23.31 33.12 -13.86
CA HIS C 198 22.37 32.62 -12.88
C HIS C 198 22.02 33.77 -11.93
N GLN C 199 20.75 33.83 -11.53
CA GLN C 199 20.28 35.02 -10.82
C GLN C 199 20.97 35.23 -9.48
N GLY C 200 21.60 34.20 -8.93
CA GLY C 200 22.35 34.37 -7.71
C GLY C 200 23.71 35.02 -7.84
N LEU C 201 24.23 35.16 -9.05
CA LEU C 201 25.56 35.70 -9.28
C LEU C 201 25.49 37.21 -9.41
N SER C 202 26.50 37.89 -8.86
CA SER C 202 26.52 39.35 -9.04
C SER C 202 26.86 39.72 -10.48
N SER C 203 27.51 38.82 -11.21
CA SER C 203 27.88 38.98 -12.61
C SER C 203 28.00 37.59 -13.19
N PRO C 204 27.70 37.40 -14.49
CA PRO C 204 27.99 36.12 -15.13
C PRO C 204 29.43 35.68 -14.87
N VAL C 205 29.62 34.40 -14.58
CA VAL C 205 30.92 33.88 -14.17
C VAL C 205 31.48 33.01 -15.29
N THR C 206 32.77 33.17 -15.57
CA THR C 206 33.45 32.33 -16.55
C THR C 206 34.58 31.56 -15.87
N LYS C 207 34.60 30.25 -16.06
CA LYS C 207 35.72 29.40 -15.69
C LYS C 207 36.37 28.90 -16.98
N SER C 208 37.69 28.91 -17.03
CA SER C 208 38.37 28.57 -18.26
C SER C 208 39.73 27.97 -17.93
N PHE C 209 40.30 27.30 -18.93
CA PHE C 209 41.69 26.90 -18.86
C PHE C 209 42.31 27.05 -20.24
N ASN C 210 43.63 27.14 -20.24
CA ASN C 210 44.41 27.11 -21.47
C ASN C 210 44.97 25.71 -21.64
N ARG C 211 44.73 25.12 -22.80
CA ARG C 211 45.18 23.73 -23.05
C ARG C 211 46.66 23.60 -22.65
N GLY C 212 46.98 22.62 -21.81
CA GLY C 212 48.38 22.33 -21.40
C GLY C 212 48.82 23.02 -20.12
N GLU C 213 48.32 24.22 -19.86
CA GLU C 213 48.85 24.98 -18.70
C GLU C 213 48.98 24.12 -17.43
N CYS C 214 49.98 24.43 -16.59
CA CYS C 214 50.29 23.69 -15.34
C CYS C 214 51.73 24.01 -14.91
C1 NAG D . -44.73 -0.72 42.50
C2 NAG D . -45.83 -1.79 42.44
C3 NAG D . -47.11 -1.25 43.06
C4 NAG D . -46.82 -0.75 44.48
C5 NAG D . -45.65 0.25 44.47
C6 NAG D . -45.22 0.70 45.84
C7 NAG D . -45.63 -3.35 40.51
C8 NAG D . -44.87 -4.28 41.43
N2 NAG D . -46.06 -2.19 41.07
O3 NAG D . -48.05 -2.30 43.04
O4 NAG D . -48.01 -0.15 44.96
O5 NAG D . -44.53 -0.34 43.84
O6 NAG D . -44.68 -0.38 46.56
O7 NAG D . -45.85 -3.64 39.35
C1 NAG E . -26.23 -7.20 -6.26
C2 NAG E . -25.33 -7.21 -7.51
C3 NAG E . -24.96 -5.77 -7.89
C4 NAG E . -26.22 -4.95 -8.08
C5 NAG E . -27.07 -5.03 -6.80
C6 NAG E . -28.39 -4.30 -6.88
C7 NAG E . -23.93 -9.18 -7.97
C8 NAG E . -22.62 -9.85 -7.63
N2 NAG E . -24.15 -8.01 -7.34
O3 NAG E . -24.18 -5.85 -9.05
O4 NAG E . -25.85 -3.62 -8.37
O5 NAG E . -27.36 -6.39 -6.50
O6 NAG E . -29.06 -4.42 -5.65
O7 NAG E . -24.72 -9.67 -8.75
C1 GOL F . -19.74 0.03 13.85
O1 GOL F . -21.06 0.55 13.70
C2 GOL F . -19.14 0.36 15.20
O2 GOL F . -19.88 -0.27 16.24
C3 GOL F . -17.68 0.01 15.31
O3 GOL F . -17.28 -0.94 14.31
C1 GOL G . -29.48 -27.20 -1.48
O1 GOL G . -30.67 -27.80 -1.00
C2 GOL G . -29.68 -25.70 -1.58
O2 GOL G . -30.61 -25.41 -2.60
C3 GOL G . -28.35 -25.01 -1.83
O3 GOL G . -27.78 -25.50 -3.02
C1 GOL H . 25.58 14.10 -17.07
O1 GOL H . 25.68 12.85 -16.46
C2 GOL H . 26.69 14.38 -18.04
O2 GOL H . 26.94 13.28 -18.89
C3 GOL H . 26.35 15.62 -18.85
O3 GOL H . 27.38 16.50 -18.50
C1 GOL I . 36.25 35.72 -33.09
O1 GOL I . 36.17 37.12 -33.13
C2 GOL I . 35.36 35.16 -31.99
O2 GOL I . 34.94 36.22 -31.15
C3 GOL I . 34.21 34.39 -32.60
O3 GOL I . 33.16 34.30 -31.66
#